data_3AR8
#
_entry.id   3AR8
#
_cell.length_a   176.864
_cell.length_b   69.873
_cell.length_c   141.813
_cell.angle_alpha   90.00
_cell.angle_beta   106.71
_cell.angle_gamma   90.00
#
_symmetry.space_group_name_H-M   'C 1 2 1'
#
loop_
_entity.id
_entity.type
_entity.pdbx_description
1 polymer 'Sarcoplasmic/endoplasmic reticulum calcium ATPase 1'
2 non-polymer 'SODIUM ION'
3 non-polymer 'MAGNESIUM ION'
4 non-polymer 'TETRAFLUOROALUMINATE ION'
5 non-polymer "2',3'-O-[(1r)-2,4,6-trinitrocyclohexa-2,5-diene-1,1-diyl]adenosine 5'-(dihydrogen phosphate)"
6 non-polymer 'OCTANOIC ACID [3S-[3ALPHA, 3ABETA, 4ALPHA, 6BETA, 6ABETA, 7BETA, 8ALPHA(Z), 9BALPHA]]-6-(ACETYLOXY)-2,3,-3A,4,5,6,6A,7,8,9B-DECAHYDRO-3,3A-DIHYDROXY-3,6,9-TRIMETHYL-8-[(2-METHYL-1-OXO-2-BUTENYL)OX Y]-2-OXO-4-(1-OXOBUTOXY)-AZULENO[4,5-B]FURAN-7-YL ESTER'
7 water water
#
_entity_poly.entity_id   1
_entity_poly.type   'polypeptide(L)'
_entity_poly.pdbx_seq_one_letter_code
;(ACE)MEAAHSKSTEECLAYFGVSETTGLTPDQVKRHLEKYGHNELPAEEGKSLWELVIEQFEDLLVRILLLAACISFVL
AWFEEGEETITAFVEPFVILLILIANAIVGVWQERNAENAIEALKEYEPEMGKVYRADRKSVQRIKARDIVPGDIVEVAV
GDKVPADIRILSIKSTTLRVDQSILTGESVSVIKHTEPVPDPRAVNQDKKNMLFSGTNIAAGKALGIVATTGVSTEIGKI
RDQMAATEQDKTPLQQKLDEFGEQLSKVISLICVAVWLINIGHFNDPVHGGSWIRGAIYYFKIAVALAVAAIPEGLPAVI
TTCLALGTRRMAKKNAIVRSLPSVETLGCTSVICSDKTGTLTTNQMSVCKMFIIDKVDGDFCSLNEFSITGSTYAPEGEV
LKNDKPIRSGQFDGLVELATICALCNDSSLDFNETKGVYEKVGEATETALTTLVEKMNVFNTEVRNLSKVERANACNSVI
RQLMKKEFTLEFSRDRKSMSVYCSPAKSSRAAVGNKMFVKGAPEGVIDRCNYVRVGTTRVPMTGPVKEKILSVIKEWGTG
RDTLRCLALATRDTPPKREEMVLDDSSRFMEYETDLTFVGVVGMLDPPRKEVMGSIQLCRDAGIRVIMITGDNKGTAIAI
CRRIGIFGENEEVADRAYTGREFDDLPLAEQREACRRACCFARVEPSHKSKIVEYLQSYDEITAMTGDGVNDAPALKKAE
IGIAMGSGTAVAKTASEMVLADDNFSTIVAAVEEGRAIYNNMKQFIRYLISSNVGEVVCIFLTAALGLPEALIPVQLLWV
NLVTDGLPATALGFNPPDLDIMDRPPRSPKEPLISGWLFFRYMAIGGYVGAATVGAAAWWFMYAEDGPGVTYHQLTHFMQ
CTEDHPHFEGLDCEIFEAPEPMTMALSVLVTIEMCNALNSLSENQSLMRMPPWVNIWLLGSICLSMSLHFLILYVDPLPM
IFKLKALDLTQWLMVLKISLPVIGLDEILKFIARNYLEG
;
_entity_poly.pdbx_strand_id   A
#
loop_
_chem_comp.id
_chem_comp.type
_chem_comp.name
_chem_comp.formula
ACE non-polymer 'ACETYL GROUP' 'C2 H4 O'
ALF non-polymer 'TETRAFLUOROALUMINATE ION' 'Al F4 -1'
MG non-polymer 'MAGNESIUM ION' 'Mg 2'
NA non-polymer 'SODIUM ION' 'Na 1'
TG1 non-polymer 'OCTANOIC ACID [3S-[3ALPHA, 3ABETA, 4ALPHA, 6BETA, 6ABETA, 7BETA, 8ALPHA(Z), 9BALPHA]]-6-(ACETYLOXY)-2,3,-3A,4,5,6,6A,7,8,9B-DECAHYDRO-3,3A-DIHYDROXY-3,6,9-TRIMETHYL-8-[(2-METHYL-1-OXO-2-BUTENYL)OX Y]-2-OXO-4-(1-OXOBUTOXY)-AZULENO[4,5-B]FURAN-7-YL ESTER' 'C34 H50 O12'
TM1 non-polymer '2',3'-O-[(1r)-2,4,6-trinitrocyclohexa-2,5-diene-1,1-diyl]adenosine 5'-(dihydrogen phosphate)' 'C16 H15 N8 O13 P'
#
# COMPACT_ATOMS: atom_id res chain seq x y z
C ACE A 1 -19.58 17.33 -23.22
O ACE A 1 -19.44 18.54 -23.05
CH3 ACE A 1 -18.55 16.54 -23.97
N MET A 2 -20.63 16.67 -22.77
CA MET A 2 -21.70 17.35 -22.03
C MET A 2 -21.57 17.15 -20.53
N GLU A 3 -21.38 18.25 -19.82
CA GLU A 3 -21.27 18.20 -18.38
C GLU A 3 -22.64 18.05 -17.74
N ALA A 4 -22.70 17.28 -16.65
CA ALA A 4 -23.93 17.05 -15.91
C ALA A 4 -25.09 16.51 -16.75
N ALA A 5 -24.78 15.59 -17.67
CA ALA A 5 -25.81 15.00 -18.52
C ALA A 5 -26.84 14.25 -17.69
N HIS A 6 -26.45 13.83 -16.49
CA HIS A 6 -27.36 13.10 -15.61
C HIS A 6 -28.47 13.97 -15.07
N SER A 7 -28.21 15.28 -14.98
CA SER A 7 -29.18 16.23 -14.45
C SER A 7 -30.21 16.67 -15.50
N LYS A 8 -29.97 16.33 -16.76
CA LYS A 8 -30.89 16.71 -17.82
C LYS A 8 -31.76 15.57 -18.33
N SER A 9 -32.72 15.90 -19.18
CA SER A 9 -33.64 14.91 -19.73
C SER A 9 -33.04 14.29 -20.98
N THR A 10 -33.67 13.23 -21.46
CA THR A 10 -33.19 12.56 -22.65
C THR A 10 -33.24 13.52 -23.83
N GLU A 11 -34.33 14.27 -23.93
CA GLU A 11 -34.50 15.26 -25.01
C GLU A 11 -33.40 16.31 -24.89
N GLU A 12 -33.23 16.84 -23.68
CA GLU A 12 -32.21 17.84 -23.44
C GLU A 12 -30.83 17.38 -23.89
N CYS A 13 -30.51 16.11 -23.68
CA CYS A 13 -29.20 15.59 -24.07
C CYS A 13 -29.10 15.40 -25.56
N LEU A 14 -30.18 14.97 -26.18
CA LEU A 14 -30.19 14.79 -27.63
C LEU A 14 -29.96 16.16 -28.24
N ALA A 15 -30.82 17.10 -27.84
CA ALA A 15 -30.74 18.47 -28.33
C ALA A 15 -29.34 19.03 -28.17
N TYR A 16 -28.77 18.87 -26.98
CA TYR A 16 -27.43 19.38 -26.71
C TYR A 16 -26.38 19.11 -27.79
N PHE A 17 -26.44 17.95 -28.43
CA PHE A 17 -25.48 17.64 -29.48
C PHE A 17 -26.20 17.74 -30.81
N GLY A 18 -27.47 18.06 -30.75
CA GLY A 18 -28.24 18.16 -31.97
C GLY A 18 -28.10 16.85 -32.71
N VAL A 19 -28.49 15.75 -32.07
CA VAL A 19 -28.41 14.46 -32.73
C VAL A 19 -29.75 13.75 -32.67
N SER A 20 -29.96 12.87 -33.64
CA SER A 20 -31.20 12.09 -33.74
C SER A 20 -31.04 10.72 -33.11
N GLU A 21 -31.89 10.41 -32.13
CA GLU A 21 -31.86 9.13 -31.45
C GLU A 21 -32.16 8.07 -32.49
N THR A 22 -32.83 8.48 -33.56
CA THR A 22 -33.21 7.57 -34.63
C THR A 22 -32.14 7.36 -35.71
N THR A 23 -31.23 8.31 -35.91
CA THR A 23 -30.23 8.13 -36.96
C THR A 23 -28.77 8.21 -36.52
N GLY A 24 -28.50 9.00 -35.48
CA GLY A 24 -27.14 9.13 -34.99
C GLY A 24 -26.39 10.22 -35.71
N LEU A 25 -25.17 10.49 -35.27
CA LEU A 25 -24.35 11.53 -35.87
C LEU A 25 -24.07 11.31 -37.34
N THR A 26 -23.89 12.39 -38.08
CA THR A 26 -23.59 12.33 -39.49
C THR A 26 -22.07 12.21 -39.61
N PRO A 27 -21.58 11.74 -40.76
CA PRO A 27 -20.12 11.62 -40.91
C PRO A 27 -19.42 12.94 -40.62
N ASP A 28 -20.11 14.05 -40.92
CA ASP A 28 -19.54 15.38 -40.68
C ASP A 28 -19.44 15.66 -39.18
N GLN A 29 -20.56 15.48 -38.48
CA GLN A 29 -20.62 15.69 -37.03
C GLN A 29 -19.48 14.93 -36.33
N VAL A 30 -19.29 13.67 -36.73
CA VAL A 30 -18.26 12.80 -36.17
C VAL A 30 -16.89 13.42 -36.37
N LYS A 31 -16.61 13.78 -37.61
CA LYS A 31 -15.34 14.40 -38.00
C LYS A 31 -15.07 15.61 -37.12
N ARG A 32 -16.09 16.45 -36.96
CA ARG A 32 -15.97 17.65 -36.15
C ARG A 32 -15.77 17.33 -34.66
N HIS A 33 -16.67 16.51 -34.09
CA HIS A 33 -16.58 16.15 -32.67
C HIS A 33 -15.26 15.47 -32.37
N LEU A 34 -14.83 14.60 -33.28
CA LEU A 34 -13.58 13.89 -33.09
C LEU A 34 -12.43 14.85 -32.99
N GLU A 35 -12.55 15.98 -33.68
CA GLU A 35 -11.52 17.00 -33.68
C GLU A 35 -11.56 17.78 -32.39
N LYS A 36 -12.76 18.17 -31.99
CA LYS A 36 -12.97 18.94 -30.78
C LYS A 36 -12.72 18.19 -29.47
N TYR A 37 -13.16 16.94 -29.40
CA TYR A 37 -13.03 16.15 -28.17
C TYR A 37 -11.89 15.14 -28.11
N GLY A 38 -11.39 14.71 -29.27
CA GLY A 38 -10.31 13.75 -29.27
C GLY A 38 -10.82 12.32 -29.34
N HIS A 39 -9.91 11.35 -29.26
CA HIS A 39 -10.29 9.95 -29.31
C HIS A 39 -10.70 9.41 -27.94
N ASN A 40 -11.76 8.60 -27.92
CA ASN A 40 -12.24 8.01 -26.68
C ASN A 40 -11.22 7.03 -26.18
N GLU A 41 -10.16 7.54 -25.58
CA GLU A 41 -9.09 6.71 -25.09
C GLU A 41 -8.50 7.33 -23.84
N LEU A 42 -7.67 6.57 -23.16
CA LEU A 42 -7.03 7.03 -21.93
C LEU A 42 -5.52 7.17 -22.23
N PRO A 43 -4.98 8.36 -22.03
CA PRO A 43 -3.55 8.58 -22.30
C PRO A 43 -2.63 7.60 -21.57
N ALA A 44 -1.80 6.91 -22.35
CA ALA A 44 -0.86 5.96 -21.79
C ALA A 44 0.26 6.72 -21.11
N GLU A 45 0.76 6.19 -20.00
CA GLU A 45 1.85 6.85 -19.31
C GLU A 45 2.99 5.88 -19.04
N GLU A 46 3.96 5.86 -19.94
CA GLU A 46 5.13 4.98 -19.84
C GLU A 46 6.09 5.41 -18.75
N GLY A 47 6.78 4.44 -18.16
CA GLY A 47 7.75 4.74 -17.11
C GLY A 47 8.94 5.44 -17.73
N LYS A 48 9.60 6.30 -16.96
CA LYS A 48 10.76 7.03 -17.46
C LYS A 48 11.81 6.09 -18.04
N SER A 49 12.38 6.48 -19.18
CA SER A 49 13.39 5.69 -19.87
C SER A 49 14.58 5.40 -18.97
N LEU A 50 15.34 4.37 -19.30
CA LEU A 50 16.52 3.99 -18.51
C LEU A 50 17.49 5.15 -18.35
N TRP A 51 17.53 6.04 -19.34
CA TRP A 51 18.41 7.21 -19.31
C TRP A 51 18.04 8.07 -18.10
N GLU A 52 16.75 8.33 -17.95
CA GLU A 52 16.22 9.12 -16.85
C GLU A 52 16.61 8.44 -15.53
N LEU A 53 16.36 7.14 -15.49
CA LEU A 53 16.66 6.32 -14.32
C LEU A 53 18.09 6.44 -13.83
N VAL A 54 18.99 6.80 -14.75
CA VAL A 54 20.39 6.96 -14.41
C VAL A 54 20.68 8.37 -13.95
N ILE A 55 20.23 9.35 -14.71
CA ILE A 55 20.44 10.76 -14.38
C ILE A 55 19.91 11.08 -13.00
N GLU A 56 18.80 10.45 -12.63
CA GLU A 56 18.17 10.68 -11.35
C GLU A 56 19.03 10.18 -10.19
N GLN A 57 19.79 9.12 -10.42
CA GLN A 57 20.65 8.57 -9.39
C GLN A 57 21.71 9.56 -8.93
N PHE A 58 21.94 10.60 -9.73
CA PHE A 58 22.94 11.61 -9.40
C PHE A 58 22.32 12.94 -8.97
N GLU A 59 21.10 12.89 -8.46
CA GLU A 59 20.42 14.10 -8.01
C GLU A 59 20.69 14.36 -6.53
N ASP A 60 21.09 13.30 -5.82
CA ASP A 60 21.38 13.41 -4.41
C ASP A 60 22.57 14.34 -4.18
N LEU A 61 22.40 15.29 -3.27
CA LEU A 61 23.45 16.26 -2.96
C LEU A 61 24.73 15.54 -2.53
N LEU A 62 24.61 14.66 -1.54
CA LEU A 62 25.75 13.91 -1.03
C LEU A 62 26.44 13.15 -2.17
N VAL A 63 25.73 13.00 -3.29
CA VAL A 63 26.27 12.30 -4.44
C VAL A 63 26.89 13.31 -5.40
N ARG A 64 26.23 14.45 -5.57
CA ARG A 64 26.72 15.50 -6.46
C ARG A 64 27.96 16.12 -5.82
N ILE A 65 28.09 15.97 -4.51
CA ILE A 65 29.23 16.50 -3.78
C ILE A 65 30.36 15.48 -3.89
N LEU A 66 29.99 14.20 -3.85
CA LEU A 66 30.97 13.12 -3.95
C LEU A 66 31.41 12.96 -5.40
N LEU A 67 30.70 13.63 -6.30
CA LEU A 67 31.04 13.57 -7.73
C LEU A 67 31.87 14.81 -8.06
N LEU A 68 31.43 15.95 -7.54
CA LEU A 68 32.13 17.21 -7.76
C LEU A 68 33.54 17.13 -7.20
N ALA A 69 33.67 16.43 -6.08
CA ALA A 69 34.97 16.25 -5.42
C ALA A 69 35.78 15.20 -6.18
N ALA A 70 35.09 14.20 -6.71
CA ALA A 70 35.74 13.14 -7.46
C ALA A 70 36.42 13.74 -8.68
N CYS A 71 35.86 14.84 -9.17
CA CYS A 71 36.41 15.54 -10.34
C CYS A 71 37.65 16.32 -9.93
N ILE A 72 37.59 16.97 -8.78
CA ILE A 72 38.72 17.75 -8.27
C ILE A 72 39.87 16.79 -7.95
N SER A 73 39.54 15.52 -7.77
CA SER A 73 40.53 14.48 -7.47
C SER A 73 41.15 13.98 -8.77
N PHE A 74 40.52 14.31 -9.89
CA PHE A 74 41.01 13.90 -11.20
C PHE A 74 41.73 15.09 -11.83
N VAL A 75 41.47 16.27 -11.29
CA VAL A 75 42.10 17.51 -11.76
C VAL A 75 43.51 17.59 -11.19
N LEU A 76 43.62 17.40 -9.88
CA LEU A 76 44.90 17.44 -9.19
C LEU A 76 45.53 16.04 -9.19
N ALA A 77 45.11 15.21 -10.13
CA ALA A 77 45.62 13.85 -10.24
C ALA A 77 46.79 13.82 -11.23
N TRP A 78 46.89 14.86 -12.05
CA TRP A 78 47.96 14.96 -13.03
C TRP A 78 49.32 15.14 -12.35
N PHE A 79 49.36 15.98 -11.34
CA PHE A 79 50.58 16.25 -10.60
C PHE A 79 51.08 15.00 -9.88
N GLU A 80 51.92 14.22 -10.55
CA GLU A 80 52.46 12.99 -9.98
C GLU A 80 53.67 12.49 -10.78
N GLU A 81 54.87 12.68 -10.24
CA GLU A 81 56.10 12.26 -10.92
C GLU A 81 56.47 10.81 -10.64
N GLY A 82 57.73 10.47 -10.92
CA GLY A 82 58.21 9.12 -10.72
C GLY A 82 58.48 8.70 -9.28
N GLU A 83 58.05 9.51 -8.32
CA GLU A 83 58.26 9.19 -6.91
C GLU A 83 57.06 8.43 -6.35
N GLU A 84 55.88 8.74 -6.88
CA GLU A 84 54.65 8.09 -6.45
C GLU A 84 53.76 7.78 -7.66
N THR A 85 54.38 7.66 -8.83
CA THR A 85 53.65 7.37 -10.06
C THR A 85 53.08 5.95 -10.05
N ILE A 86 53.37 5.21 -8.99
CA ILE A 86 52.90 3.83 -8.87
C ILE A 86 51.42 3.79 -8.45
N THR A 87 50.93 4.90 -7.91
CA THR A 87 49.55 5.00 -7.46
C THR A 87 49.05 6.43 -7.67
N ALA A 88 49.10 6.89 -8.91
CA ALA A 88 48.68 8.25 -9.25
C ALA A 88 47.17 8.37 -9.46
N PHE A 89 46.56 7.37 -10.09
CA PHE A 89 45.13 7.38 -10.33
C PHE A 89 44.42 6.16 -9.77
N VAL A 90 44.46 6.03 -8.43
CA VAL A 90 43.80 4.92 -7.75
C VAL A 90 42.58 5.47 -7.01
N GLU A 91 42.67 6.75 -6.64
CA GLU A 91 41.60 7.44 -5.93
C GLU A 91 40.53 7.93 -6.91
N PRO A 92 40.95 8.65 -7.98
CA PRO A 92 39.98 9.15 -8.96
C PRO A 92 39.22 8.00 -9.61
N PHE A 93 39.63 6.78 -9.30
CA PHE A 93 38.99 5.58 -9.84
C PHE A 93 37.97 5.00 -8.86
N VAL A 94 38.38 4.82 -7.61
CA VAL A 94 37.50 4.26 -6.59
C VAL A 94 36.47 5.30 -6.14
N ILE A 95 36.78 6.57 -6.33
CA ILE A 95 35.89 7.66 -5.94
C ILE A 95 34.69 7.75 -6.88
N LEU A 96 34.87 7.29 -8.11
CA LEU A 96 33.82 7.30 -9.11
C LEU A 96 33.39 5.87 -9.39
N LEU A 97 34.06 4.93 -8.73
CA LEU A 97 33.78 3.51 -8.90
C LEU A 97 32.45 3.21 -8.23
N ILE A 98 32.42 3.29 -6.90
CA ILE A 98 31.19 3.04 -6.16
C ILE A 98 30.20 4.16 -6.44
N LEU A 99 30.71 5.32 -6.83
CA LEU A 99 29.88 6.48 -7.13
C LEU A 99 28.88 6.14 -8.25
N ILE A 100 29.16 5.09 -9.00
CA ILE A 100 28.29 4.67 -10.09
C ILE A 100 28.00 3.18 -9.92
N ALA A 101 28.86 2.50 -9.17
CA ALA A 101 28.69 1.07 -8.92
C ALA A 101 27.45 0.86 -8.08
N ASN A 102 27.28 1.71 -7.05
CA ASN A 102 26.12 1.61 -6.18
C ASN A 102 24.99 2.43 -6.77
N ALA A 103 25.35 3.57 -7.37
CA ALA A 103 24.36 4.45 -7.97
C ALA A 103 23.62 3.75 -9.10
N ILE A 104 24.19 2.67 -9.61
CA ILE A 104 23.56 1.92 -10.69
C ILE A 104 22.65 0.83 -10.13
N VAL A 105 22.95 0.38 -8.91
CA VAL A 105 22.15 -0.65 -8.26
C VAL A 105 20.80 -0.04 -7.89
N GLY A 106 20.76 1.29 -7.79
CA GLY A 106 19.54 1.97 -7.46
C GLY A 106 18.53 1.87 -8.59
N VAL A 107 19.04 1.87 -9.82
CA VAL A 107 18.18 1.77 -11.01
C VAL A 107 17.53 0.38 -11.02
N TRP A 108 18.05 -0.52 -10.20
CA TRP A 108 17.52 -1.87 -10.11
C TRP A 108 16.44 -1.88 -9.02
N GLN A 109 15.90 -0.70 -8.76
CA GLN A 109 14.85 -0.52 -7.76
C GLN A 109 13.87 0.55 -8.23
N GLU A 110 14.00 0.95 -9.49
CA GLU A 110 13.13 1.98 -10.07
C GLU A 110 12.61 1.53 -11.44
N ARG A 111 13.46 0.86 -12.21
CA ARG A 111 13.08 0.36 -13.52
C ARG A 111 12.29 -0.92 -13.30
N ASN A 112 12.12 -1.28 -12.02
CA ASN A 112 11.39 -2.48 -11.62
C ASN A 112 10.01 -2.09 -11.09
N ALA A 113 9.08 -1.79 -12.00
CA ALA A 113 7.73 -1.39 -11.61
C ALA A 113 6.72 -1.60 -12.73
N GLU A 114 5.54 -2.08 -12.36
CA GLU A 114 4.45 -2.33 -13.30
C GLU A 114 3.60 -1.06 -13.38
N ASN A 115 3.22 -0.66 -14.58
CA ASN A 115 2.42 0.54 -14.75
C ASN A 115 0.95 0.30 -14.41
N ALA A 116 0.41 1.15 -13.53
CA ALA A 116 -0.97 1.04 -13.10
C ALA A 116 -1.96 1.50 -14.15
N ILE A 117 -1.61 2.56 -14.88
CA ILE A 117 -2.50 3.08 -15.91
C ILE A 117 -2.66 2.03 -17.01
N GLU A 118 -1.63 1.21 -17.21
CA GLU A 118 -1.72 0.17 -18.22
C GLU A 118 -2.71 -0.86 -17.72
N ALA A 119 -2.64 -1.18 -16.43
CA ALA A 119 -3.56 -2.15 -15.86
C ALA A 119 -4.98 -1.59 -15.97
N LEU A 120 -5.10 -0.28 -15.75
CA LEU A 120 -6.39 0.41 -15.82
C LEU A 120 -6.96 0.43 -17.24
N LYS A 121 -6.10 0.54 -18.24
CA LYS A 121 -6.59 0.57 -19.62
C LYS A 121 -7.16 -0.77 -20.06
N GLU A 122 -6.98 -1.80 -19.24
CA GLU A 122 -7.53 -3.11 -19.60
C GLU A 122 -9.04 -3.09 -19.47
N TYR A 123 -9.59 -1.97 -18.98
CA TYR A 123 -11.03 -1.86 -18.85
C TYR A 123 -11.59 -1.09 -20.03
N GLU A 124 -10.73 -0.78 -20.99
CA GLU A 124 -11.18 -0.10 -22.19
C GLU A 124 -11.54 -1.17 -23.23
N PRO A 125 -12.83 -1.27 -23.59
CA PRO A 125 -13.22 -2.28 -24.59
C PRO A 125 -12.69 -1.88 -25.97
N GLU A 126 -12.26 -2.87 -26.76
CA GLU A 126 -11.73 -2.55 -28.08
C GLU A 126 -12.82 -2.03 -29.02
N MET A 127 -13.97 -2.70 -28.99
CA MET A 127 -15.08 -2.33 -29.85
C MET A 127 -16.25 -1.70 -29.11
N GLY A 128 -17.09 -1.01 -29.88
CA GLY A 128 -18.25 -0.35 -29.34
C GLY A 128 -19.32 -0.44 -30.40
N LYS A 129 -20.55 -0.10 -30.07
CA LYS A 129 -21.63 -0.18 -31.04
C LYS A 129 -22.39 1.14 -31.12
N VAL A 130 -22.40 1.74 -32.31
CA VAL A 130 -23.07 3.01 -32.54
C VAL A 130 -24.01 3.01 -33.73
N TYR A 131 -24.90 3.99 -33.73
CA TYR A 131 -25.82 4.19 -34.82
C TYR A 131 -25.42 5.54 -35.39
N ARG A 132 -24.74 5.51 -36.52
CA ARG A 132 -24.29 6.72 -37.20
C ARG A 132 -25.24 6.94 -38.38
N ALA A 133 -25.48 8.20 -38.73
CA ALA A 133 -26.38 8.51 -39.86
C ALA A 133 -25.92 7.76 -41.11
N ASP A 134 -24.69 7.26 -41.04
CA ASP A 134 -24.06 6.50 -42.10
C ASP A 134 -24.97 5.40 -42.65
N ARG A 135 -25.14 4.32 -41.88
CA ARG A 135 -26.01 3.23 -42.29
C ARG A 135 -27.16 3.03 -41.32
N LYS A 136 -28.11 2.19 -41.73
CA LYS A 136 -29.31 1.90 -40.95
C LYS A 136 -29.05 0.93 -39.80
N SER A 137 -28.22 -0.07 -40.05
CA SER A 137 -27.91 -1.07 -39.04
C SER A 137 -26.82 -0.60 -38.07
N VAL A 138 -26.83 -1.15 -36.87
CA VAL A 138 -25.85 -0.80 -35.84
C VAL A 138 -24.45 -1.13 -36.31
N GLN A 139 -23.54 -0.18 -36.12
CA GLN A 139 -22.15 -0.36 -36.50
C GLN A 139 -21.28 -0.73 -35.30
N ARG A 140 -20.35 -1.65 -35.52
CA ARG A 140 -19.43 -2.08 -34.48
C ARG A 140 -18.10 -1.50 -34.89
N ILE A 141 -17.65 -0.50 -34.15
CA ILE A 141 -16.40 0.18 -34.48
C ILE A 141 -15.45 0.15 -33.30
N LYS A 142 -14.21 0.60 -33.52
CA LYS A 142 -13.23 0.65 -32.46
C LYS A 142 -13.72 1.67 -31.43
N ALA A 143 -13.71 1.27 -30.16
CA ALA A 143 -14.17 2.14 -29.07
C ALA A 143 -13.52 3.51 -29.11
N ARG A 144 -12.20 3.55 -29.25
CA ARG A 144 -11.47 4.82 -29.30
C ARG A 144 -12.03 5.75 -30.37
N ASP A 145 -12.82 5.21 -31.30
CA ASP A 145 -13.38 6.01 -32.38
C ASP A 145 -14.71 6.68 -31.99
N ILE A 146 -15.20 6.34 -30.80
CA ILE A 146 -16.45 6.92 -30.33
C ILE A 146 -16.22 8.35 -29.84
N VAL A 147 -17.25 9.18 -30.03
CA VAL A 147 -17.16 10.59 -29.63
C VAL A 147 -18.43 11.07 -28.93
N PRO A 148 -18.33 12.18 -28.17
CA PRO A 148 -19.51 12.72 -27.47
C PRO A 148 -20.64 12.93 -28.46
N GLY A 149 -21.88 12.71 -28.03
CA GLY A 149 -23.00 12.89 -28.93
C GLY A 149 -23.32 11.61 -29.68
N ASP A 150 -22.37 10.67 -29.69
CA ASP A 150 -22.61 9.40 -30.37
C ASP A 150 -23.78 8.66 -29.73
N ILE A 151 -24.51 7.91 -30.54
CA ILE A 151 -25.62 7.14 -30.03
C ILE A 151 -25.11 5.70 -29.93
N VAL A 152 -24.86 5.27 -28.70
CA VAL A 152 -24.31 3.95 -28.43
C VAL A 152 -25.32 2.93 -27.95
N GLU A 153 -25.03 1.67 -28.25
CA GLU A 153 -25.89 0.58 -27.83
C GLU A 153 -25.08 -0.38 -26.98
N VAL A 154 -25.69 -0.85 -25.91
CA VAL A 154 -25.05 -1.82 -25.02
C VAL A 154 -26.03 -2.91 -24.63
N ALA A 155 -25.49 -4.11 -24.44
CA ALA A 155 -26.30 -5.26 -24.07
C ALA A 155 -25.52 -6.15 -23.11
N VAL A 156 -26.25 -7.06 -22.48
CA VAL A 156 -25.69 -8.01 -21.53
C VAL A 156 -24.30 -8.50 -21.97
N GLY A 157 -23.33 -8.38 -21.07
CA GLY A 157 -21.97 -8.82 -21.37
C GLY A 157 -21.05 -7.73 -21.84
N ASP A 158 -21.61 -6.65 -22.38
CA ASP A 158 -20.77 -5.56 -22.87
C ASP A 158 -20.06 -4.76 -21.77
N LYS A 159 -18.86 -4.30 -22.10
CA LYS A 159 -18.09 -3.45 -21.20
C LYS A 159 -18.35 -2.06 -21.80
N VAL A 160 -19.02 -1.20 -21.05
CA VAL A 160 -19.35 0.15 -21.49
C VAL A 160 -18.15 0.92 -22.05
N PRO A 161 -18.27 1.37 -23.31
CA PRO A 161 -17.23 2.12 -24.03
C PRO A 161 -16.89 3.55 -23.59
N ALA A 162 -17.86 4.26 -23.03
CA ALA A 162 -17.64 5.64 -22.60
C ALA A 162 -18.70 6.04 -21.58
N ASP A 163 -18.61 7.24 -21.01
CA ASP A 163 -19.64 7.67 -20.06
C ASP A 163 -20.88 8.07 -20.88
N ILE A 164 -21.93 7.26 -20.73
CA ILE A 164 -23.16 7.43 -21.48
C ILE A 164 -24.40 7.77 -20.69
N ARG A 165 -25.22 8.65 -21.26
CA ARG A 165 -26.46 9.08 -20.65
C ARG A 165 -27.42 8.09 -21.26
N ILE A 166 -28.20 7.39 -20.44
CA ILE A 166 -29.13 6.41 -20.97
C ILE A 166 -30.33 7.07 -21.64
N LEU A 167 -30.66 6.61 -22.85
CA LEU A 167 -31.80 7.17 -23.59
C LEU A 167 -33.02 6.28 -23.50
N SER A 168 -32.86 5.02 -23.88
CA SER A 168 -33.95 4.07 -23.87
C SER A 168 -33.47 2.70 -23.43
N ILE A 169 -34.23 2.07 -22.54
CA ILE A 169 -33.90 0.74 -22.03
C ILE A 169 -34.82 -0.24 -22.76
N LYS A 170 -34.21 -1.13 -23.53
CA LYS A 170 -34.95 -2.10 -24.35
C LYS A 170 -35.48 -3.33 -23.64
N SER A 171 -34.86 -3.71 -22.53
CA SER A 171 -35.29 -4.87 -21.77
C SER A 171 -36.12 -4.36 -20.61
N THR A 172 -36.69 -5.28 -19.82
CA THR A 172 -37.50 -4.88 -18.68
C THR A 172 -36.64 -4.13 -17.65
N THR A 173 -35.35 -4.44 -17.63
CA THR A 173 -34.43 -3.75 -16.73
C THR A 173 -33.03 -3.80 -17.29
N LEU A 174 -32.22 -2.83 -16.88
CA LEU A 174 -30.83 -2.76 -17.29
C LEU A 174 -30.08 -2.92 -15.96
N ARG A 175 -29.38 -4.04 -15.83
CA ARG A 175 -28.65 -4.33 -14.62
C ARG A 175 -27.17 -4.09 -14.88
N VAL A 176 -26.52 -3.33 -14.00
CA VAL A 176 -25.10 -3.04 -14.18
C VAL A 176 -24.20 -3.29 -12.97
N ASP A 177 -22.98 -3.71 -13.30
CA ASP A 177 -21.92 -3.97 -12.35
C ASP A 177 -20.92 -2.81 -12.48
N GLN A 178 -20.93 -1.94 -11.47
CA GLN A 178 -20.07 -0.77 -11.46
C GLN A 178 -18.97 -0.88 -10.41
N SER A 179 -18.47 -2.08 -10.17
CA SER A 179 -17.43 -2.29 -9.17
C SER A 179 -16.13 -1.56 -9.45
N ILE A 180 -15.89 -1.10 -10.67
CA ILE A 180 -14.64 -0.38 -10.89
C ILE A 180 -14.72 0.98 -10.24
N LEU A 181 -15.94 1.45 -9.98
CA LEU A 181 -16.15 2.74 -9.32
C LEU A 181 -16.66 2.61 -7.87
N THR A 182 -17.27 1.47 -7.53
CA THR A 182 -17.83 1.30 -6.19
C THR A 182 -17.24 0.15 -5.37
N GLY A 183 -16.63 -0.81 -6.05
CA GLY A 183 -16.04 -1.96 -5.36
C GLY A 183 -17.12 -2.94 -4.96
N GLU A 184 -18.35 -2.67 -5.37
CA GLU A 184 -19.49 -3.53 -5.08
C GLU A 184 -19.93 -4.19 -6.38
N SER A 185 -20.02 -5.52 -6.39
CA SER A 185 -20.39 -6.26 -7.60
C SER A 185 -21.89 -6.34 -7.85
N VAL A 186 -22.71 -6.13 -6.81
CA VAL A 186 -24.16 -6.21 -6.95
C VAL A 186 -24.67 -5.38 -8.14
N SER A 187 -25.70 -5.89 -8.80
CA SER A 187 -26.29 -5.22 -9.95
C SER A 187 -27.05 -3.96 -9.60
N VAL A 188 -26.78 -2.91 -10.36
CA VAL A 188 -27.44 -1.62 -10.17
C VAL A 188 -28.50 -1.53 -11.25
N ILE A 189 -29.69 -1.06 -10.87
CA ILE A 189 -30.79 -0.92 -11.80
C ILE A 189 -30.86 0.50 -12.35
N LYS A 190 -30.73 0.61 -13.66
CA LYS A 190 -30.76 1.89 -14.32
C LYS A 190 -32.15 2.35 -14.72
N HIS A 191 -32.29 3.65 -14.96
CA HIS A 191 -33.55 4.20 -15.42
C HIS A 191 -33.17 5.38 -16.33
N THR A 192 -34.13 5.99 -17.00
CA THR A 192 -33.80 7.08 -17.92
C THR A 192 -34.19 8.48 -17.49
N GLU A 193 -34.87 8.60 -16.36
CA GLU A 193 -35.30 9.90 -15.90
C GLU A 193 -34.13 10.72 -15.37
N PRO A 194 -34.27 12.05 -15.35
CA PRO A 194 -33.15 12.85 -14.84
C PRO A 194 -32.88 12.64 -13.36
N VAL A 195 -31.69 13.05 -12.94
CA VAL A 195 -31.27 12.97 -11.55
C VAL A 195 -30.90 14.41 -11.23
N PRO A 196 -31.88 15.20 -10.79
CA PRO A 196 -31.77 16.62 -10.43
C PRO A 196 -30.46 17.05 -9.79
N ASP A 197 -30.18 16.54 -8.60
CA ASP A 197 -28.96 16.94 -7.90
C ASP A 197 -27.73 16.93 -8.82
N PRO A 198 -27.15 18.11 -9.05
CA PRO A 198 -25.97 18.17 -9.93
C PRO A 198 -24.66 17.76 -9.25
N ARG A 199 -24.74 17.34 -7.99
CA ARG A 199 -23.56 16.90 -7.24
C ARG A 199 -23.68 15.43 -6.86
N ALA A 200 -24.65 14.77 -7.47
CA ALA A 200 -24.90 13.36 -7.24
C ALA A 200 -23.61 12.56 -7.43
N VAL A 201 -23.41 11.56 -6.59
CA VAL A 201 -22.23 10.73 -6.73
C VAL A 201 -22.59 9.60 -7.70
N ASN A 202 -21.58 8.91 -8.21
CA ASN A 202 -21.80 7.81 -9.13
C ASN A 202 -22.93 6.88 -8.70
N GLN A 203 -22.90 6.42 -7.44
CA GLN A 203 -23.93 5.53 -6.95
C GLN A 203 -25.33 6.11 -7.19
N ASP A 204 -25.43 7.43 -7.19
CA ASP A 204 -26.70 8.13 -7.38
C ASP A 204 -27.15 8.37 -8.81
N LYS A 205 -26.23 8.35 -9.77
CA LYS A 205 -26.57 8.58 -11.17
C LYS A 205 -27.07 7.30 -11.83
N LYS A 206 -28.29 6.93 -11.49
CA LYS A 206 -28.86 5.69 -12.02
C LYS A 206 -29.35 5.81 -13.44
N ASN A 207 -29.10 6.96 -14.05
CA ASN A 207 -29.49 7.21 -15.43
C ASN A 207 -28.28 7.30 -16.35
N MET A 208 -27.10 6.93 -15.84
CA MET A 208 -25.85 6.98 -16.60
C MET A 208 -25.16 5.61 -16.68
N LEU A 209 -24.31 5.46 -17.69
CA LEU A 209 -23.51 4.25 -17.86
C LEU A 209 -22.07 4.74 -17.87
N PHE A 210 -21.24 4.25 -16.96
CA PHE A 210 -19.86 4.69 -16.91
C PHE A 210 -18.88 3.77 -17.63
N SER A 211 -18.00 4.39 -18.40
CA SER A 211 -16.98 3.68 -19.15
C SER A 211 -16.23 2.73 -18.22
N GLY A 212 -16.00 1.50 -18.67
CA GLY A 212 -15.28 0.53 -17.88
C GLY A 212 -16.14 -0.43 -17.08
N THR A 213 -17.41 -0.09 -16.86
CA THR A 213 -18.27 -1.00 -16.14
C THR A 213 -18.89 -1.97 -17.14
N ASN A 214 -19.59 -2.99 -16.66
CA ASN A 214 -20.19 -3.91 -17.60
C ASN A 214 -21.66 -4.19 -17.33
N ILE A 215 -22.38 -4.46 -18.41
CA ILE A 215 -23.80 -4.74 -18.35
C ILE A 215 -24.04 -6.16 -17.85
N ALA A 216 -24.74 -6.31 -16.74
CA ALA A 216 -25.02 -7.61 -16.17
C ALA A 216 -26.27 -8.19 -16.85
N ALA A 217 -27.21 -7.32 -17.19
CA ALA A 217 -28.44 -7.73 -17.84
C ALA A 217 -29.07 -6.58 -18.62
N GLY A 218 -29.89 -6.95 -19.61
CA GLY A 218 -30.59 -5.97 -20.41
C GLY A 218 -29.92 -5.45 -21.66
N LYS A 219 -30.65 -4.57 -22.35
CA LYS A 219 -30.18 -3.96 -23.58
C LYS A 219 -30.61 -2.49 -23.51
N ALA A 220 -29.70 -1.59 -23.86
CA ALA A 220 -30.03 -0.17 -23.80
C ALA A 220 -29.39 0.70 -24.87
N LEU A 221 -30.01 1.84 -25.11
CA LEU A 221 -29.54 2.80 -26.09
C LEU A 221 -29.20 4.05 -25.31
N GLY A 222 -28.09 4.66 -25.65
CA GLY A 222 -27.70 5.87 -24.95
C GLY A 222 -26.95 6.86 -25.83
N ILE A 223 -26.69 8.03 -25.28
CA ILE A 223 -25.98 9.07 -26.00
C ILE A 223 -24.70 9.32 -25.20
N VAL A 224 -23.58 9.42 -25.88
CA VAL A 224 -22.34 9.64 -25.17
C VAL A 224 -22.21 11.05 -24.59
N ALA A 225 -21.93 11.14 -23.30
CA ALA A 225 -21.79 12.43 -22.62
C ALA A 225 -20.34 12.92 -22.65
N THR A 226 -19.40 12.04 -22.31
CA THR A 226 -17.99 12.40 -22.31
C THR A 226 -17.13 11.18 -22.64
N THR A 227 -15.89 11.42 -23.06
CA THR A 227 -14.99 10.35 -23.42
C THR A 227 -13.58 10.67 -22.94
N GLY A 228 -12.63 9.82 -23.30
CA GLY A 228 -11.25 10.06 -22.90
C GLY A 228 -11.08 10.26 -21.40
N VAL A 229 -10.31 11.27 -21.03
CA VAL A 229 -10.05 11.57 -19.64
C VAL A 229 -11.19 12.27 -18.93
N SER A 230 -12.24 12.62 -19.66
CA SER A 230 -13.39 13.29 -19.05
C SER A 230 -14.47 12.32 -18.53
N THR A 231 -14.07 11.10 -18.23
CA THR A 231 -15.00 10.10 -17.72
C THR A 231 -14.66 9.82 -16.27
N GLU A 232 -15.48 9.00 -15.61
CA GLU A 232 -15.20 8.65 -14.23
C GLU A 232 -13.93 7.81 -14.15
N ILE A 233 -13.70 6.94 -15.15
CA ILE A 233 -12.48 6.14 -15.12
C ILE A 233 -11.29 7.07 -15.46
N GLY A 234 -11.59 8.16 -16.15
CA GLY A 234 -10.56 9.14 -16.48
C GLY A 234 -10.04 9.84 -15.23
N LYS A 235 -10.93 10.16 -14.30
CA LYS A 235 -10.49 10.79 -13.06
C LYS A 235 -9.57 9.84 -12.30
N ILE A 236 -9.92 8.55 -12.27
CA ILE A 236 -9.07 7.57 -11.59
C ILE A 236 -7.71 7.61 -12.29
N ARG A 237 -7.76 7.65 -13.62
CA ARG A 237 -6.57 7.72 -14.45
C ARG A 237 -5.68 8.90 -14.07
N ASP A 238 -6.28 10.08 -13.94
CA ASP A 238 -5.53 11.29 -13.60
C ASP A 238 -4.86 11.24 -12.23
N GLN A 239 -5.53 10.65 -11.26
CA GLN A 239 -4.97 10.57 -9.91
C GLN A 239 -3.84 9.55 -9.81
N MET A 240 -3.63 8.78 -10.86
CA MET A 240 -2.57 7.80 -10.85
C MET A 240 -1.41 8.29 -11.70
N ALA A 241 -1.72 9.16 -12.65
CA ALA A 241 -0.70 9.72 -13.51
C ALA A 241 0.14 10.66 -12.67
N ALA A 242 0.01 11.95 -12.92
CA ALA A 242 0.76 12.97 -12.18
C ALA A 242 0.44 12.84 -10.69
N THR A 243 1.32 12.15 -9.97
CA THR A 243 1.16 11.95 -8.53
C THR A 243 2.54 11.92 -7.89
N GLU A 244 3.30 10.86 -8.14
CA GLU A 244 4.65 10.74 -7.60
C GLU A 244 4.64 10.65 -6.06
N GLN A 245 4.97 9.47 -5.54
CA GLN A 245 4.99 9.25 -4.09
C GLN A 245 6.01 10.15 -3.39
N ASP A 246 5.65 10.62 -2.20
CA ASP A 246 6.51 11.51 -1.42
C ASP A 246 7.74 10.76 -0.89
N LYS A 247 8.66 11.49 -0.26
CA LYS A 247 9.88 10.87 0.27
C LYS A 247 9.74 10.37 1.70
N THR A 248 10.13 9.11 1.89
CA THR A 248 10.10 8.45 3.18
C THR A 248 10.55 9.39 4.30
N PRO A 249 10.06 9.17 5.53
CA PRO A 249 10.43 10.01 6.67
C PRO A 249 11.93 9.93 6.95
N LEU A 250 12.48 8.71 6.91
CA LEU A 250 13.90 8.51 7.14
C LEU A 250 14.70 9.20 6.03
N GLN A 251 14.15 9.20 4.82
CA GLN A 251 14.80 9.83 3.68
C GLN A 251 14.93 11.32 3.88
N GLN A 252 13.90 11.94 4.43
CA GLN A 252 13.92 13.37 4.68
C GLN A 252 15.00 13.65 5.72
N LYS A 253 15.10 12.76 6.71
CA LYS A 253 16.09 12.90 7.77
C LYS A 253 17.50 12.95 7.15
N LEU A 254 17.71 12.14 6.11
CA LEU A 254 18.99 12.10 5.43
C LEU A 254 19.17 13.35 4.57
N ASP A 255 18.11 13.76 3.89
CA ASP A 255 18.17 14.95 3.05
C ASP A 255 18.50 16.17 3.89
N GLU A 256 18.08 16.14 5.15
CA GLU A 256 18.34 17.25 6.06
C GLU A 256 19.83 17.20 6.37
N PHE A 257 20.28 16.03 6.82
CA PHE A 257 21.68 15.81 7.16
C PHE A 257 22.59 16.19 6.00
N GLY A 258 22.38 15.56 4.85
CA GLY A 258 23.19 15.83 3.69
C GLY A 258 23.16 17.29 3.24
N GLU A 259 22.16 18.03 3.70
CA GLU A 259 22.03 19.44 3.33
C GLU A 259 22.83 20.29 4.31
N GLN A 260 22.94 19.82 5.54
CA GLN A 260 23.69 20.51 6.57
C GLN A 260 25.17 20.18 6.40
N LEU A 261 25.43 19.00 5.84
CA LEU A 261 26.78 18.55 5.60
C LEU A 261 27.34 19.33 4.41
N SER A 262 26.46 20.03 3.71
CA SER A 262 26.84 20.84 2.57
C SER A 262 27.29 22.22 3.05
N LYS A 263 26.81 22.60 4.22
CA LYS A 263 27.14 23.90 4.81
C LYS A 263 28.36 23.76 5.72
N VAL A 264 28.40 22.70 6.50
CA VAL A 264 29.50 22.45 7.43
C VAL A 264 30.83 22.29 6.70
N ILE A 265 30.86 21.41 5.71
CA ILE A 265 32.08 21.17 4.94
C ILE A 265 32.51 22.40 4.16
N SER A 266 31.56 23.11 3.56
CA SER A 266 31.88 24.31 2.80
C SER A 266 32.30 25.43 3.75
N LEU A 267 32.15 25.19 5.05
CA LEU A 267 32.50 26.15 6.09
C LEU A 267 33.84 25.78 6.72
N ILE A 268 34.12 24.49 6.82
CA ILE A 268 35.36 24.00 7.39
C ILE A 268 36.54 24.39 6.51
N CYS A 269 36.32 24.39 5.20
CA CYS A 269 37.36 24.76 4.25
C CYS A 269 37.68 26.25 4.32
N VAL A 270 36.65 27.07 4.50
CA VAL A 270 36.84 28.50 4.62
C VAL A 270 37.30 28.80 6.04
N ALA A 271 37.18 27.80 6.90
CA ALA A 271 37.60 27.92 8.29
C ALA A 271 39.11 27.79 8.37
N VAL A 272 39.67 27.03 7.43
CA VAL A 272 41.11 26.83 7.36
C VAL A 272 41.72 28.06 6.69
N TRP A 273 40.89 28.80 5.98
CA TRP A 273 41.32 30.01 5.29
C TRP A 273 41.64 31.10 6.33
N LEU A 274 40.83 31.15 7.38
CA LEU A 274 41.02 32.12 8.46
C LEU A 274 42.17 31.67 9.36
N ILE A 275 42.80 30.56 8.97
CA ILE A 275 43.92 30.00 9.72
C ILE A 275 45.17 29.99 8.85
N ASN A 276 44.98 30.24 7.55
CA ASN A 276 46.09 30.28 6.60
C ASN A 276 46.44 31.73 6.25
N ILE A 277 46.08 32.64 7.15
CA ILE A 277 46.36 34.06 6.95
C ILE A 277 47.73 34.38 7.54
N GLY A 278 48.76 33.70 7.05
CA GLY A 278 50.10 33.92 7.56
C GLY A 278 51.21 33.63 6.56
N HIS A 279 50.94 32.73 5.60
CA HIS A 279 51.94 32.39 4.59
C HIS A 279 51.69 33.25 3.35
N PHE A 280 50.77 34.20 3.47
CA PHE A 280 50.43 35.10 2.37
C PHE A 280 50.97 36.51 2.60
N ASN A 281 51.21 36.85 3.87
CA ASN A 281 51.72 38.17 4.24
C ASN A 281 53.20 38.34 3.86
N ASP A 282 54.08 37.70 4.63
CA ASP A 282 55.51 37.77 4.39
C ASP A 282 55.88 37.29 2.99
N PRO A 283 56.93 37.89 2.38
CA PRO A 283 57.37 37.52 1.04
C PRO A 283 58.01 36.13 0.98
N VAL A 284 57.35 35.22 0.27
CA VAL A 284 57.83 33.85 0.13
C VAL A 284 57.06 33.10 -0.95
N HIS A 285 57.77 32.46 -1.86
CA HIS A 285 57.14 31.71 -2.95
C HIS A 285 57.90 30.43 -3.28
N GLY A 286 57.16 29.38 -3.63
CA GLY A 286 57.77 28.11 -3.97
C GLY A 286 57.13 27.52 -5.22
N GLY A 287 56.26 28.30 -5.85
CA GLY A 287 55.59 27.84 -7.05
C GLY A 287 54.39 28.71 -7.38
N SER A 288 53.99 28.71 -8.65
CA SER A 288 52.85 29.49 -9.10
C SER A 288 51.60 29.14 -8.29
N TRP A 289 50.58 29.98 -8.37
CA TRP A 289 49.33 29.74 -7.65
C TRP A 289 48.64 28.47 -8.14
N ILE A 290 48.91 28.11 -9.39
CA ILE A 290 48.32 26.91 -10.00
C ILE A 290 49.01 25.68 -9.41
N ARG A 291 50.06 25.93 -8.64
CA ARG A 291 50.85 24.88 -8.00
C ARG A 291 50.82 25.05 -6.48
N GLY A 292 50.37 26.22 -6.03
CA GLY A 292 50.30 26.49 -4.61
C GLY A 292 48.90 26.38 -4.05
N ALA A 293 47.90 26.65 -4.88
CA ALA A 293 46.51 26.57 -4.44
C ALA A 293 46.06 25.11 -4.40
N ILE A 294 47.00 24.19 -4.64
CA ILE A 294 46.70 22.77 -4.63
C ILE A 294 46.35 22.30 -3.22
N TYR A 295 46.73 23.11 -2.23
CA TYR A 295 46.47 22.79 -0.84
C TYR A 295 44.98 22.74 -0.52
N TYR A 296 44.27 23.83 -0.84
CA TYR A 296 42.84 23.91 -0.57
C TYR A 296 42.01 22.89 -1.34
N PHE A 297 42.27 22.73 -2.63
CA PHE A 297 41.52 21.77 -3.44
C PHE A 297 41.88 20.32 -3.13
N LYS A 298 42.56 20.11 -2.01
CA LYS A 298 42.95 18.76 -1.58
C LYS A 298 42.40 18.48 -0.19
N ILE A 299 42.24 19.55 0.60
CA ILE A 299 41.69 19.40 1.95
C ILE A 299 40.19 19.23 1.80
N ALA A 300 39.69 19.54 0.60
CA ALA A 300 38.28 19.42 0.30
C ALA A 300 37.99 18.00 -0.16
N VAL A 301 38.88 17.47 -1.00
CA VAL A 301 38.72 16.11 -1.50
C VAL A 301 39.08 15.10 -0.41
N ALA A 302 39.43 15.61 0.77
CA ALA A 302 39.78 14.76 1.89
C ALA A 302 38.62 14.74 2.88
N LEU A 303 37.84 15.83 2.87
CA LEU A 303 36.69 15.95 3.75
C LEU A 303 35.49 15.28 3.09
N ALA A 304 35.41 15.39 1.77
CA ALA A 304 34.33 14.81 1.00
C ALA A 304 34.22 13.31 1.26
N VAL A 305 35.32 12.69 1.68
CA VAL A 305 35.31 11.26 1.95
C VAL A 305 35.17 10.99 3.44
N ALA A 306 35.48 12.01 4.25
CA ALA A 306 35.35 11.87 5.70
C ALA A 306 33.93 12.22 6.13
N ALA A 307 33.34 13.19 5.45
CA ALA A 307 31.97 13.63 5.74
C ALA A 307 30.96 12.62 5.20
N ILE A 308 30.72 12.70 3.89
CA ILE A 308 29.78 11.80 3.21
C ILE A 308 30.01 10.36 3.63
N PRO A 309 29.09 9.79 4.43
CA PRO A 309 29.20 8.41 4.91
C PRO A 309 28.86 7.36 3.86
N GLU A 310 29.70 7.23 2.85
CA GLU A 310 29.48 6.24 1.81
C GLU A 310 29.31 4.88 2.49
N GLY A 311 28.81 3.90 1.75
CA GLY A 311 28.62 2.59 2.35
C GLY A 311 27.24 2.47 2.97
N LEU A 312 26.73 3.57 3.52
CA LEU A 312 25.40 3.55 4.13
C LEU A 312 24.40 3.17 3.04
N PRO A 313 24.51 3.81 1.86
CA PRO A 313 23.61 3.51 0.74
C PRO A 313 23.54 2.03 0.41
N ALA A 314 24.49 1.26 0.93
CA ALA A 314 24.52 -0.18 0.66
C ALA A 314 24.18 -0.99 1.91
N VAL A 315 24.37 -0.40 3.09
CA VAL A 315 24.05 -1.09 4.33
C VAL A 315 22.54 -1.06 4.49
N ILE A 316 21.95 0.07 4.07
CA ILE A 316 20.50 0.27 4.13
C ILE A 316 19.81 -0.71 3.18
N THR A 317 20.13 -0.58 1.90
CA THR A 317 19.56 -1.44 0.88
C THR A 317 19.64 -2.92 1.28
N THR A 318 20.68 -3.27 2.02
CA THR A 318 20.86 -4.65 2.48
C THR A 318 19.87 -4.99 3.57
N CYS A 319 19.76 -4.11 4.56
CA CYS A 319 18.85 -4.32 5.67
C CYS A 319 17.41 -4.50 5.15
N LEU A 320 17.02 -3.65 4.21
CA LEU A 320 15.69 -3.69 3.62
C LEU A 320 15.47 -4.99 2.85
N ALA A 321 16.43 -5.34 1.99
CA ALA A 321 16.33 -6.56 1.21
C ALA A 321 16.11 -7.76 2.13
N LEU A 322 16.77 -7.75 3.28
CA LEU A 322 16.62 -8.83 4.25
C LEU A 322 15.24 -8.78 4.89
N GLY A 323 14.76 -7.56 5.15
CA GLY A 323 13.45 -7.40 5.75
C GLY A 323 12.38 -7.89 4.80
N THR A 324 12.49 -7.47 3.54
CA THR A 324 11.55 -7.86 2.50
C THR A 324 11.39 -9.38 2.43
N ARG A 325 12.51 -10.09 2.38
CA ARG A 325 12.48 -11.56 2.33
C ARG A 325 11.88 -12.10 3.62
N ARG A 326 12.12 -11.40 4.72
CA ARG A 326 11.61 -11.83 6.01
C ARG A 326 10.09 -11.69 6.04
N MET A 327 9.58 -10.56 5.55
CA MET A 327 8.14 -10.31 5.52
C MET A 327 7.48 -11.20 4.47
N ALA A 328 8.22 -11.48 3.39
CA ALA A 328 7.71 -12.32 2.32
C ALA A 328 7.32 -13.68 2.89
N LYS A 329 8.04 -14.13 3.91
CA LYS A 329 7.73 -15.41 4.54
C LYS A 329 6.53 -15.23 5.45
N LYS A 330 6.14 -13.98 5.66
CA LYS A 330 4.99 -13.64 6.49
C LYS A 330 3.80 -13.35 5.59
N ASN A 331 3.97 -13.66 4.31
CA ASN A 331 2.93 -13.44 3.30
C ASN A 331 2.70 -11.96 2.99
N ALA A 332 3.78 -11.21 2.92
CA ALA A 332 3.73 -9.78 2.62
C ALA A 332 4.76 -9.45 1.54
N ILE A 333 4.28 -9.29 0.31
CA ILE A 333 5.15 -8.98 -0.82
C ILE A 333 5.45 -7.48 -0.93
N VAL A 334 6.61 -7.06 -0.43
CA VAL A 334 6.99 -5.66 -0.48
C VAL A 334 7.57 -5.24 -1.82
N ARG A 335 6.85 -4.39 -2.54
CA ARG A 335 7.25 -3.90 -3.86
C ARG A 335 8.10 -2.64 -3.74
N SER A 336 8.15 -2.05 -2.55
CA SER A 336 8.94 -0.84 -2.31
C SER A 336 9.74 -1.01 -1.01
N LEU A 337 11.05 -1.19 -1.14
CA LEU A 337 11.92 -1.38 0.01
C LEU A 337 11.79 -0.31 1.09
N PRO A 338 11.77 0.97 0.67
CA PRO A 338 11.64 2.05 1.65
C PRO A 338 10.39 1.95 2.52
N SER A 339 9.24 1.73 1.87
CA SER A 339 7.95 1.63 2.58
C SER A 339 8.00 0.72 3.81
N VAL A 340 8.93 -0.22 3.83
CA VAL A 340 9.06 -1.14 4.95
C VAL A 340 9.25 -0.33 6.24
N GLU A 341 10.17 0.63 6.19
CA GLU A 341 10.45 1.48 7.33
C GLU A 341 9.25 2.37 7.65
N THR A 342 8.65 2.90 6.59
CA THR A 342 7.50 3.79 6.71
C THR A 342 6.27 3.14 7.33
N LEU A 343 6.12 1.82 7.13
CA LEU A 343 4.97 1.12 7.69
C LEU A 343 5.12 1.03 9.20
N GLY A 344 6.36 1.12 9.68
CA GLY A 344 6.59 1.03 11.10
C GLY A 344 5.96 2.20 11.84
N CYS A 345 6.09 3.39 11.27
CA CYS A 345 5.53 4.58 11.90
C CYS A 345 4.19 5.00 11.31
N THR A 346 3.27 4.04 11.20
CA THR A 346 1.93 4.33 10.68
C THR A 346 1.00 4.63 11.84
N SER A 347 0.32 5.76 11.76
CA SER A 347 -0.62 6.13 12.81
C SER A 347 -2.06 5.83 12.40
N VAL A 348 -2.39 6.04 11.13
CA VAL A 348 -3.74 5.78 10.66
C VAL A 348 -3.83 4.79 9.50
N ILE A 349 -4.71 3.81 9.64
CA ILE A 349 -4.91 2.85 8.56
C ILE A 349 -6.29 3.07 7.95
N CYS A 350 -6.32 3.50 6.70
CA CYS A 350 -7.56 3.69 5.97
C CYS A 350 -7.83 2.37 5.26
N SER A 351 -9.05 1.87 5.42
CA SER A 351 -9.37 0.59 4.80
C SER A 351 -10.66 0.48 3.99
N ASP A 352 -10.54 -0.16 2.84
CA ASP A 352 -11.68 -0.44 1.99
C ASP A 352 -12.48 -1.45 2.81
N LYS A 353 -13.73 -1.67 2.47
CA LYS A 353 -14.53 -2.64 3.20
C LYS A 353 -14.70 -3.96 2.43
N THR A 354 -15.46 -3.92 1.34
CA THR A 354 -15.72 -5.13 0.58
C THR A 354 -14.50 -5.79 -0.03
N GLY A 355 -14.33 -7.08 0.28
CA GLY A 355 -13.20 -7.84 -0.23
C GLY A 355 -11.93 -7.57 0.55
N THR A 356 -11.96 -6.55 1.41
CA THR A 356 -10.80 -6.21 2.23
C THR A 356 -11.10 -6.52 3.69
N LEU A 357 -12.15 -5.91 4.22
CA LEU A 357 -12.55 -6.16 5.58
C LEU A 357 -13.52 -7.35 5.57
N THR A 358 -14.27 -7.48 4.48
CA THR A 358 -15.24 -8.55 4.30
C THR A 358 -14.71 -9.62 3.34
N THR A 359 -15.48 -10.68 3.15
CA THR A 359 -15.05 -11.76 2.26
C THR A 359 -15.54 -11.54 0.84
N ASN A 360 -16.52 -10.65 0.68
CA ASN A 360 -17.13 -10.36 -0.61
C ASN A 360 -17.81 -11.61 -1.16
N GLN A 361 -18.55 -12.26 -0.27
CA GLN A 361 -19.31 -13.45 -0.63
C GLN A 361 -20.60 -13.34 0.15
N MET A 362 -21.61 -12.79 -0.51
CA MET A 362 -22.93 -12.58 0.06
C MET A 362 -23.40 -13.88 0.70
N SER A 363 -23.83 -13.82 1.95
CA SER A 363 -24.26 -15.04 2.65
C SER A 363 -25.55 -14.89 3.44
N VAL A 364 -26.44 -15.86 3.29
CA VAL A 364 -27.70 -15.85 4.01
C VAL A 364 -27.35 -16.33 5.42
N CYS A 365 -27.51 -15.44 6.40
CA CYS A 365 -27.16 -15.79 7.77
C CYS A 365 -28.34 -15.98 8.69
N LYS A 366 -29.52 -15.54 8.26
CA LYS A 366 -30.72 -15.71 9.07
C LYS A 366 -31.91 -15.98 8.15
N MET A 367 -32.91 -16.68 8.68
CA MET A 367 -34.10 -16.99 7.90
C MET A 367 -35.19 -17.47 8.83
N PHE A 368 -36.45 -17.22 8.46
CA PHE A 368 -37.53 -17.68 9.30
C PHE A 368 -38.77 -18.07 8.53
N ILE A 369 -39.63 -18.85 9.17
CA ILE A 369 -40.89 -19.31 8.62
C ILE A 369 -41.91 -19.20 9.75
N ILE A 370 -43.19 -19.46 9.48
CA ILE A 370 -44.17 -19.37 10.55
C ILE A 370 -44.18 -20.67 11.35
N ASP A 371 -44.28 -20.54 12.67
CA ASP A 371 -44.32 -21.70 13.58
C ASP A 371 -45.78 -22.07 13.79
N LYS A 372 -46.52 -21.18 14.40
CA LYS A 372 -47.94 -21.42 14.63
C LYS A 372 -48.67 -20.10 14.69
N VAL A 373 -49.95 -20.16 14.37
CA VAL A 373 -50.80 -18.99 14.38
C VAL A 373 -52.04 -19.31 15.22
N ASP A 374 -52.57 -18.31 15.90
CA ASP A 374 -53.77 -18.46 16.72
C ASP A 374 -54.27 -17.10 17.19
N GLY A 375 -55.31 -16.60 16.54
CA GLY A 375 -55.84 -15.31 16.92
C GLY A 375 -54.71 -14.32 16.82
N ASP A 376 -54.59 -13.42 17.79
CA ASP A 376 -53.54 -12.39 17.77
C ASP A 376 -52.14 -12.92 18.03
N PHE A 377 -52.02 -14.23 18.19
CA PHE A 377 -50.72 -14.82 18.46
C PHE A 377 -50.11 -15.47 17.24
N CYS A 378 -48.85 -15.14 17.00
CA CYS A 378 -48.11 -15.67 15.87
C CYS A 378 -46.65 -15.81 16.24
N SER A 379 -46.15 -17.04 16.19
CA SER A 379 -44.75 -17.26 16.50
C SER A 379 -44.02 -17.72 15.27
N LEU A 380 -42.76 -17.31 15.15
CA LEU A 380 -41.92 -17.64 14.03
C LEU A 380 -40.81 -18.63 14.36
N ASN A 381 -40.53 -19.53 13.44
CA ASN A 381 -39.42 -20.43 13.63
C ASN A 381 -38.24 -19.66 13.02
N GLU A 382 -37.32 -19.18 13.84
CA GLU A 382 -36.18 -18.45 13.33
C GLU A 382 -34.98 -19.37 13.27
N PHE A 383 -34.10 -19.14 12.31
CA PHE A 383 -32.92 -19.97 12.17
C PHE A 383 -31.72 -19.12 11.82
N SER A 384 -30.53 -19.70 11.92
CA SER A 384 -29.32 -18.97 11.57
C SER A 384 -28.45 -19.93 10.77
N ILE A 385 -27.61 -19.36 9.92
CA ILE A 385 -26.74 -20.18 9.07
C ILE A 385 -25.31 -19.71 9.18
N THR A 386 -24.39 -20.63 9.41
CA THR A 386 -22.98 -20.29 9.51
C THR A 386 -22.36 -20.41 8.14
N GLY A 387 -21.11 -19.98 8.01
CA GLY A 387 -20.44 -20.03 6.73
C GLY A 387 -20.45 -18.62 6.18
N SER A 388 -19.29 -18.14 5.74
CA SER A 388 -19.19 -16.80 5.20
C SER A 388 -18.72 -16.78 3.74
N THR A 389 -18.58 -17.96 3.12
CA THR A 389 -18.15 -18.03 1.73
C THR A 389 -19.27 -18.63 0.88
N TYR A 390 -19.03 -18.78 -0.41
CA TYR A 390 -20.05 -19.34 -1.29
C TYR A 390 -19.99 -20.87 -1.26
N ALA A 391 -19.03 -21.41 -0.53
CA ALA A 391 -18.87 -22.85 -0.39
C ALA A 391 -20.06 -23.43 0.38
N PRO A 392 -20.53 -24.62 -0.02
CA PRO A 392 -21.66 -25.29 0.63
C PRO A 392 -21.16 -25.97 1.89
N GLU A 393 -20.56 -25.17 2.77
CA GLU A 393 -20.00 -25.65 4.03
C GLU A 393 -20.53 -24.73 5.12
N GLY A 394 -21.33 -25.30 6.02
CA GLY A 394 -21.91 -24.52 7.10
C GLY A 394 -23.12 -25.25 7.65
N GLU A 395 -23.76 -24.68 8.67
CA GLU A 395 -24.94 -25.34 9.24
C GLU A 395 -26.06 -24.41 9.64
N VAL A 396 -27.25 -24.99 9.76
CA VAL A 396 -28.43 -24.27 10.16
C VAL A 396 -28.67 -24.50 11.64
N LEU A 397 -28.82 -23.43 12.39
CA LEU A 397 -29.01 -23.52 13.83
C LEU A 397 -30.36 -22.97 14.31
N LYS A 398 -30.93 -23.68 15.27
CA LYS A 398 -32.19 -23.30 15.89
C LYS A 398 -31.76 -23.06 17.34
N ASN A 399 -31.72 -21.80 17.75
CA ASN A 399 -31.29 -21.47 19.11
C ASN A 399 -29.83 -21.84 19.31
N ASP A 400 -29.06 -21.80 18.23
CA ASP A 400 -27.63 -22.14 18.26
C ASP A 400 -27.35 -23.63 18.28
N LYS A 401 -28.39 -24.44 18.16
CA LYS A 401 -28.20 -25.88 18.13
C LYS A 401 -28.48 -26.40 16.72
N PRO A 402 -27.56 -27.21 16.17
CA PRO A 402 -27.72 -27.76 14.82
C PRO A 402 -29.01 -28.57 14.65
N ILE A 403 -29.70 -28.37 13.54
CA ILE A 403 -30.93 -29.13 13.26
C ILE A 403 -30.91 -29.60 11.80
N ARG A 404 -31.95 -30.34 11.41
CA ARG A 404 -32.08 -30.81 10.04
C ARG A 404 -33.21 -30.04 9.39
N SER A 405 -32.85 -29.15 8.46
CA SER A 405 -33.83 -28.32 7.75
C SER A 405 -35.03 -29.12 7.23
N GLY A 406 -34.76 -30.32 6.70
CA GLY A 406 -35.82 -31.16 6.18
C GLY A 406 -36.90 -31.53 7.20
N GLN A 407 -36.63 -31.35 8.49
CA GLN A 407 -37.63 -31.66 9.49
C GLN A 407 -38.79 -30.65 9.36
N PHE A 408 -38.45 -29.41 9.07
CA PHE A 408 -39.45 -28.35 8.91
C PHE A 408 -39.94 -28.30 7.46
N ASP A 409 -41.23 -28.49 7.26
CA ASP A 409 -41.79 -28.46 5.92
C ASP A 409 -41.66 -27.07 5.31
N GLY A 410 -41.78 -26.04 6.14
CA GLY A 410 -41.66 -24.67 5.68
C GLY A 410 -40.29 -24.42 5.07
N LEU A 411 -39.25 -25.00 5.66
CA LEU A 411 -37.91 -24.83 5.12
C LEU A 411 -37.77 -25.62 3.80
N VAL A 412 -38.61 -26.64 3.62
CA VAL A 412 -38.54 -27.41 2.38
C VAL A 412 -39.07 -26.53 1.26
N GLU A 413 -40.13 -25.79 1.55
CA GLU A 413 -40.69 -24.91 0.54
C GLU A 413 -39.77 -23.69 0.36
N LEU A 414 -39.25 -23.18 1.46
CA LEU A 414 -38.36 -22.03 1.39
C LEU A 414 -37.17 -22.37 0.51
N ALA A 415 -36.64 -23.57 0.67
CA ALA A 415 -35.49 -23.99 -0.13
C ALA A 415 -35.89 -24.13 -1.58
N THR A 416 -37.11 -24.63 -1.82
CA THR A 416 -37.62 -24.81 -3.18
C THR A 416 -37.68 -23.48 -3.91
N ILE A 417 -38.26 -22.48 -3.24
CA ILE A 417 -38.39 -21.15 -3.81
C ILE A 417 -37.00 -20.60 -4.18
N CYS A 418 -36.06 -20.67 -3.25
CA CYS A 418 -34.70 -20.18 -3.45
C CYS A 418 -33.95 -20.91 -4.56
N ALA A 419 -34.32 -22.15 -4.81
CA ALA A 419 -33.64 -22.94 -5.81
C ALA A 419 -34.20 -22.68 -7.21
N LEU A 420 -35.53 -22.52 -7.28
CA LEU A 420 -36.21 -22.27 -8.55
C LEU A 420 -36.22 -20.81 -9.02
N CYS A 421 -36.66 -19.91 -8.15
CA CYS A 421 -36.75 -18.48 -8.44
C CYS A 421 -35.33 -17.93 -8.37
N ASN A 422 -34.46 -18.46 -9.24
CA ASN A 422 -33.03 -18.10 -9.23
C ASN A 422 -32.42 -18.26 -10.64
N ASP A 423 -31.60 -17.29 -11.06
CA ASP A 423 -30.95 -17.35 -12.37
C ASP A 423 -29.46 -17.55 -12.22
N SER A 424 -29.02 -17.84 -11.01
CA SER A 424 -27.60 -18.02 -10.81
C SER A 424 -27.32 -19.45 -10.38
N SER A 425 -26.04 -19.73 -10.15
CA SER A 425 -25.65 -21.06 -9.72
C SER A 425 -24.26 -20.92 -9.11
N LEU A 426 -23.69 -22.04 -8.70
CA LEU A 426 -22.40 -22.04 -8.06
C LEU A 426 -21.44 -22.91 -8.88
N ASP A 427 -20.15 -22.60 -8.83
CA ASP A 427 -19.18 -23.38 -9.60
C ASP A 427 -17.93 -23.59 -8.76
N PHE A 428 -17.25 -24.71 -8.97
CA PHE A 428 -16.03 -24.96 -8.24
C PHE A 428 -14.87 -24.74 -9.19
N ASN A 429 -14.04 -23.75 -8.90
CA ASN A 429 -12.90 -23.44 -9.75
C ASN A 429 -11.76 -24.39 -9.40
N GLU A 430 -11.60 -25.44 -10.19
CA GLU A 430 -10.57 -26.44 -9.95
C GLU A 430 -9.16 -25.87 -9.88
N THR A 431 -8.87 -24.92 -10.75
CA THR A 431 -7.56 -24.31 -10.76
C THR A 431 -7.26 -23.57 -9.46
N LYS A 432 -8.20 -22.74 -9.01
CA LYS A 432 -8.02 -21.97 -7.78
C LYS A 432 -8.38 -22.76 -6.51
N GLY A 433 -9.07 -23.88 -6.68
CA GLY A 433 -9.45 -24.70 -5.53
C GLY A 433 -10.54 -24.14 -4.62
N VAL A 434 -11.31 -23.18 -5.12
CA VAL A 434 -12.37 -22.58 -4.33
C VAL A 434 -13.69 -22.48 -5.10
N TYR A 435 -14.80 -22.35 -4.37
CA TYR A 435 -16.11 -22.22 -5.02
C TYR A 435 -16.35 -20.76 -5.39
N GLU A 436 -16.98 -20.53 -6.53
CA GLU A 436 -17.26 -19.17 -6.98
C GLU A 436 -18.67 -19.06 -7.51
N LYS A 437 -19.20 -17.85 -7.47
CA LYS A 437 -20.54 -17.63 -7.96
C LYS A 437 -20.55 -17.62 -9.48
N VAL A 438 -21.74 -17.72 -10.01
CA VAL A 438 -21.98 -17.65 -11.43
C VAL A 438 -23.30 -16.91 -11.49
N GLY A 439 -23.25 -15.61 -11.75
CA GLY A 439 -24.47 -14.82 -11.79
C GLY A 439 -24.44 -13.78 -10.69
N GLU A 440 -25.61 -13.34 -10.23
CA GLU A 440 -25.73 -12.34 -9.16
C GLU A 440 -25.33 -12.90 -7.79
N ALA A 441 -24.55 -12.11 -7.04
CA ALA A 441 -24.12 -12.51 -5.71
C ALA A 441 -25.34 -12.83 -4.85
N THR A 442 -26.33 -11.97 -4.94
CA THR A 442 -27.57 -12.11 -4.18
C THR A 442 -28.29 -13.43 -4.45
N GLU A 443 -28.13 -13.94 -5.66
CA GLU A 443 -28.80 -15.16 -6.01
C GLU A 443 -27.95 -16.37 -5.65
N THR A 444 -26.63 -16.23 -5.75
CA THR A 444 -25.75 -17.32 -5.42
C THR A 444 -25.76 -17.59 -3.92
N ALA A 445 -26.15 -16.59 -3.13
CA ALA A 445 -26.23 -16.74 -1.68
C ALA A 445 -27.35 -17.73 -1.45
N LEU A 446 -28.41 -17.57 -2.26
CA LEU A 446 -29.55 -18.46 -2.18
C LEU A 446 -29.14 -19.86 -2.64
N THR A 447 -28.34 -19.94 -3.71
CA THR A 447 -27.89 -21.23 -4.21
C THR A 447 -27.10 -21.93 -3.09
N THR A 448 -26.17 -21.22 -2.47
CA THR A 448 -25.37 -21.78 -1.39
C THR A 448 -26.25 -22.19 -0.21
N LEU A 449 -27.20 -21.34 0.15
CA LEU A 449 -28.10 -21.64 1.24
C LEU A 449 -28.77 -22.99 1.01
N VAL A 450 -29.28 -23.20 -0.20
CA VAL A 450 -29.96 -24.45 -0.51
C VAL A 450 -29.04 -25.63 -0.29
N GLU A 451 -27.78 -25.51 -0.68
CA GLU A 451 -26.83 -26.61 -0.50
C GLU A 451 -26.57 -26.87 0.99
N LYS A 452 -26.43 -25.81 1.77
CA LYS A 452 -26.22 -26.00 3.20
C LYS A 452 -27.45 -26.71 3.80
N MET A 453 -28.65 -26.26 3.44
CA MET A 453 -29.89 -26.84 3.99
C MET A 453 -30.11 -28.30 3.64
N ASN A 454 -29.88 -28.69 2.38
CA ASN A 454 -30.06 -30.07 1.95
C ASN A 454 -31.38 -30.58 2.55
N VAL A 455 -32.50 -30.00 2.14
CA VAL A 455 -33.79 -30.39 2.70
C VAL A 455 -34.29 -31.79 2.41
N PHE A 456 -33.74 -32.45 1.38
CA PHE A 456 -34.17 -33.81 1.06
C PHE A 456 -33.12 -34.81 1.47
N ASN A 457 -32.17 -34.36 2.29
CA ASN A 457 -31.13 -35.23 2.79
C ASN A 457 -30.46 -36.01 1.67
N THR A 458 -29.98 -35.29 0.66
CA THR A 458 -29.30 -35.92 -0.46
C THR A 458 -27.90 -36.29 -0.01
N GLU A 459 -27.33 -37.37 -0.54
CA GLU A 459 -25.99 -37.78 -0.13
C GLU A 459 -24.97 -36.98 -0.91
N VAL A 460 -24.18 -36.18 -0.20
CA VAL A 460 -23.21 -35.33 -0.87
C VAL A 460 -21.77 -35.47 -0.40
N ARG A 461 -21.54 -36.10 0.74
CA ARG A 461 -20.17 -36.22 1.23
C ARG A 461 -19.20 -36.96 0.32
N ASN A 462 -19.70 -37.83 -0.56
CA ASN A 462 -18.80 -38.56 -1.44
C ASN A 462 -18.71 -37.99 -2.85
N LEU A 463 -19.36 -36.84 -3.06
CA LEU A 463 -19.36 -36.18 -4.37
C LEU A 463 -18.12 -35.33 -4.52
N SER A 464 -17.61 -35.21 -5.74
CA SER A 464 -16.45 -34.37 -5.98
C SER A 464 -16.89 -32.92 -5.71
N LYS A 465 -15.96 -32.05 -5.35
CA LYS A 465 -16.34 -30.68 -5.08
C LYS A 465 -17.03 -30.05 -6.30
N VAL A 466 -16.64 -30.47 -7.50
CA VAL A 466 -17.25 -29.94 -8.73
C VAL A 466 -18.73 -30.26 -8.75
N GLU A 467 -19.07 -31.49 -8.38
CA GLU A 467 -20.44 -31.95 -8.36
C GLU A 467 -21.21 -31.58 -7.09
N ARG A 468 -20.49 -31.19 -6.04
CA ARG A 468 -21.13 -30.83 -4.77
C ARG A 468 -21.74 -29.44 -4.87
N ALA A 469 -21.17 -28.64 -5.77
CA ALA A 469 -21.59 -27.28 -5.96
C ALA A 469 -23.07 -27.03 -6.20
N ASN A 470 -23.70 -27.88 -7.00
CA ASN A 470 -25.12 -27.66 -7.30
C ASN A 470 -26.01 -28.87 -7.05
N ALA A 471 -25.53 -29.81 -6.25
CA ALA A 471 -26.27 -31.05 -5.96
C ALA A 471 -27.68 -30.92 -5.41
N CYS A 472 -27.87 -30.20 -4.32
CA CYS A 472 -29.22 -30.05 -3.74
C CYS A 472 -30.15 -29.21 -4.60
N ASN A 473 -29.57 -28.27 -5.33
CA ASN A 473 -30.36 -27.42 -6.23
C ASN A 473 -30.90 -28.29 -7.37
N SER A 474 -30.04 -29.11 -7.96
CA SER A 474 -30.46 -30.00 -9.05
C SER A 474 -31.57 -30.94 -8.58
N VAL A 475 -31.49 -31.39 -7.33
CA VAL A 475 -32.52 -32.28 -6.82
C VAL A 475 -33.86 -31.59 -6.91
N ILE A 476 -33.94 -30.38 -6.36
CA ILE A 476 -35.17 -29.62 -6.39
C ILE A 476 -35.59 -29.32 -7.83
N ARG A 477 -34.62 -29.01 -8.68
CA ARG A 477 -34.98 -28.72 -10.05
C ARG A 477 -35.61 -29.93 -10.75
N GLN A 478 -35.44 -31.12 -10.17
CA GLN A 478 -36.02 -32.34 -10.73
C GLN A 478 -37.46 -32.56 -10.28
N LEU A 479 -37.93 -31.79 -9.31
CA LEU A 479 -39.29 -31.94 -8.79
C LEU A 479 -40.28 -31.02 -9.49
N MET A 480 -39.77 -29.90 -10.00
CA MET A 480 -40.62 -28.94 -10.66
C MET A 480 -39.91 -28.43 -11.89
N LYS A 481 -40.65 -28.27 -12.97
CA LYS A 481 -40.06 -27.75 -14.19
C LYS A 481 -40.34 -26.26 -14.27
N LYS A 482 -39.30 -25.48 -14.53
CA LYS A 482 -39.48 -24.05 -14.67
C LYS A 482 -40.00 -23.75 -16.09
N GLU A 483 -41.29 -23.48 -16.21
CA GLU A 483 -41.90 -23.15 -17.50
C GLU A 483 -41.26 -21.86 -18.01
N PHE A 484 -41.45 -20.77 -17.25
CA PHE A 484 -40.89 -19.46 -17.61
C PHE A 484 -40.80 -18.59 -16.37
N THR A 485 -40.06 -17.49 -16.48
CA THR A 485 -39.94 -16.59 -15.34
C THR A 485 -40.36 -15.15 -15.64
N LEU A 486 -41.13 -14.58 -14.70
CA LEU A 486 -41.59 -13.19 -14.82
C LEU A 486 -40.51 -12.35 -14.17
N GLU A 487 -39.58 -11.90 -14.99
CA GLU A 487 -38.43 -11.10 -14.56
C GLU A 487 -38.79 -9.91 -13.70
N PHE A 488 -37.81 -9.48 -12.90
CA PHE A 488 -37.97 -8.34 -12.00
C PHE A 488 -38.43 -7.07 -12.70
N SER A 489 -39.24 -6.29 -11.98
CA SER A 489 -39.80 -5.04 -12.46
C SER A 489 -39.68 -3.97 -11.36
N ARG A 490 -39.21 -2.77 -11.73
CA ARG A 490 -39.03 -1.67 -10.77
C ARG A 490 -40.29 -1.29 -9.99
N ASP A 491 -41.46 -1.49 -10.59
CA ASP A 491 -42.72 -1.14 -9.95
C ASP A 491 -43.31 -2.30 -9.14
N ARG A 492 -42.57 -3.39 -9.05
CA ARG A 492 -43.03 -4.57 -8.32
C ARG A 492 -42.08 -4.88 -7.18
N LYS A 493 -40.79 -4.69 -7.44
CA LYS A 493 -39.75 -4.99 -6.47
C LYS A 493 -39.71 -6.47 -6.15
N SER A 494 -40.17 -7.31 -7.08
CA SER A 494 -40.15 -8.74 -6.88
C SER A 494 -40.03 -9.48 -8.19
N MET A 495 -39.79 -10.79 -8.09
CA MET A 495 -39.61 -11.66 -9.24
C MET A 495 -40.31 -13.00 -9.00
N SER A 496 -40.68 -13.68 -10.08
CA SER A 496 -41.30 -14.99 -9.91
C SER A 496 -41.05 -15.96 -11.07
N VAL A 497 -41.32 -17.22 -10.80
CA VAL A 497 -41.13 -18.23 -11.82
C VAL A 497 -42.34 -19.14 -11.84
N TYR A 498 -42.79 -19.46 -13.04
CA TYR A 498 -43.95 -20.32 -13.23
C TYR A 498 -43.45 -21.76 -13.36
N CYS A 499 -43.94 -22.64 -12.49
CA CYS A 499 -43.50 -24.02 -12.50
C CYS A 499 -44.63 -25.02 -12.48
N SER A 500 -44.40 -26.16 -13.13
CA SER A 500 -45.39 -27.21 -13.17
C SER A 500 -44.73 -28.46 -12.63
N PRO A 501 -45.50 -29.34 -11.98
CA PRO A 501 -44.94 -30.57 -11.43
C PRO A 501 -44.21 -31.34 -12.51
N ALA A 502 -43.09 -31.96 -12.16
CA ALA A 502 -42.32 -32.74 -13.12
C ALA A 502 -43.12 -33.97 -13.52
N LYS A 503 -43.08 -34.29 -14.81
CA LYS A 503 -43.78 -35.46 -15.33
C LYS A 503 -45.29 -35.30 -15.28
N SER A 504 -45.77 -34.14 -15.71
CA SER A 504 -47.20 -33.86 -15.74
C SER A 504 -47.55 -33.22 -17.10
N SER A 505 -48.84 -33.24 -17.45
CA SER A 505 -49.30 -32.67 -18.71
C SER A 505 -49.39 -31.15 -18.64
N ARG A 506 -49.28 -30.51 -19.80
CA ARG A 506 -49.34 -29.05 -19.86
C ARG A 506 -50.70 -28.56 -19.38
N ALA A 507 -51.66 -29.48 -19.31
CA ALA A 507 -53.01 -29.14 -18.87
C ALA A 507 -53.27 -29.59 -17.45
N ALA A 508 -52.35 -30.39 -16.91
CA ALA A 508 -52.49 -30.89 -15.55
C ALA A 508 -52.55 -29.74 -14.54
N VAL A 509 -53.09 -30.02 -13.36
CA VAL A 509 -53.19 -29.02 -12.29
C VAL A 509 -51.98 -29.18 -11.37
N GLY A 510 -51.80 -28.22 -10.48
CA GLY A 510 -50.67 -28.29 -9.58
C GLY A 510 -49.53 -27.35 -9.93
N ASN A 511 -49.77 -26.45 -10.88
CA ASN A 511 -48.76 -25.46 -11.27
C ASN A 511 -48.58 -24.46 -10.13
N LYS A 512 -47.38 -23.94 -9.97
CA LYS A 512 -47.12 -22.98 -8.93
C LYS A 512 -46.31 -21.83 -9.46
N MET A 513 -46.33 -20.74 -8.72
CA MET A 513 -45.51 -19.59 -9.03
C MET A 513 -44.73 -19.33 -7.75
N PHE A 514 -43.41 -19.29 -7.86
CA PHE A 514 -42.59 -19.05 -6.70
C PHE A 514 -42.10 -17.61 -6.76
N VAL A 515 -42.45 -16.84 -5.73
CA VAL A 515 -42.11 -15.42 -5.70
C VAL A 515 -41.03 -15.00 -4.71
N LYS A 516 -40.23 -14.03 -5.13
CA LYS A 516 -39.13 -13.53 -4.32
C LYS A 516 -39.07 -12.02 -4.51
N GLY A 517 -38.88 -11.26 -3.42
CA GLY A 517 -38.81 -9.81 -3.54
C GLY A 517 -38.71 -8.99 -2.26
N ALA A 518 -38.76 -7.66 -2.40
CA ALA A 518 -38.72 -6.74 -1.28
C ALA A 518 -39.90 -7.16 -0.42
N PRO A 519 -39.70 -7.33 0.90
CA PRO A 519 -40.77 -7.76 1.81
C PRO A 519 -42.11 -7.02 1.84
N GLU A 520 -42.08 -5.70 1.87
CA GLU A 520 -43.32 -4.94 1.93
C GLU A 520 -44.27 -5.34 0.81
N GLY A 521 -43.81 -5.16 -0.43
CA GLY A 521 -44.63 -5.49 -1.57
C GLY A 521 -45.10 -6.92 -1.62
N VAL A 522 -44.19 -7.86 -1.42
CA VAL A 522 -44.58 -9.26 -1.45
C VAL A 522 -45.55 -9.63 -0.35
N ILE A 523 -45.26 -9.18 0.86
CA ILE A 523 -46.13 -9.48 1.99
C ILE A 523 -47.52 -8.85 1.80
N ASP A 524 -47.58 -7.66 1.21
CA ASP A 524 -48.88 -7.05 0.98
C ASP A 524 -49.68 -7.82 -0.06
N ARG A 525 -49.01 -8.57 -0.92
CA ARG A 525 -49.72 -9.33 -1.96
C ARG A 525 -50.00 -10.76 -1.52
N CYS A 526 -49.89 -10.99 -0.20
CA CYS A 526 -50.17 -12.31 0.39
C CYS A 526 -51.50 -12.30 1.13
N ASN A 527 -52.33 -13.31 0.88
CA ASN A 527 -53.61 -13.42 1.58
C ASN A 527 -53.55 -14.64 2.49
N TYR A 528 -52.48 -15.41 2.35
CA TYR A 528 -52.33 -16.60 3.16
C TYR A 528 -50.95 -16.68 3.71
N VAL A 529 -50.81 -17.48 4.77
CA VAL A 529 -49.53 -17.71 5.40
C VAL A 529 -49.39 -19.22 5.48
N ARG A 530 -48.21 -19.72 5.13
CA ARG A 530 -48.00 -21.16 5.18
C ARG A 530 -47.48 -21.59 6.55
N VAL A 531 -48.03 -22.69 7.05
CA VAL A 531 -47.62 -23.24 8.32
C VAL A 531 -47.34 -24.71 8.05
N GLY A 532 -46.07 -25.06 7.93
CA GLY A 532 -45.72 -26.44 7.65
C GLY A 532 -46.13 -26.77 6.23
N THR A 533 -47.20 -27.53 6.07
CA THR A 533 -47.68 -27.84 4.73
C THR A 533 -49.10 -27.36 4.62
N THR A 534 -49.54 -26.63 5.64
CA THR A 534 -50.89 -26.09 5.67
C THR A 534 -50.85 -24.61 5.29
N ARG A 535 -52.00 -23.96 5.34
CA ARG A 535 -52.09 -22.56 5.00
C ARG A 535 -53.28 -21.89 5.69
N VAL A 536 -53.06 -20.72 6.28
CA VAL A 536 -54.15 -20.01 6.95
C VAL A 536 -54.19 -18.55 6.52
N PRO A 537 -55.34 -17.90 6.69
CA PRO A 537 -55.41 -16.51 6.28
C PRO A 537 -54.41 -15.54 6.89
N MET A 538 -53.91 -14.65 6.05
CA MET A 538 -52.98 -13.63 6.50
C MET A 538 -53.87 -12.66 7.27
N THR A 539 -53.59 -12.46 8.54
CA THR A 539 -54.40 -11.55 9.32
C THR A 539 -53.52 -10.40 9.77
N GLY A 540 -54.15 -9.38 10.35
CA GLY A 540 -53.37 -8.25 10.83
C GLY A 540 -52.25 -8.64 11.76
N PRO A 541 -52.52 -9.43 12.81
CA PRO A 541 -51.49 -9.87 13.78
C PRO A 541 -50.31 -10.64 13.19
N VAL A 542 -50.57 -11.58 12.30
CA VAL A 542 -49.49 -12.34 11.67
C VAL A 542 -48.60 -11.39 10.85
N LYS A 543 -49.23 -10.50 10.10
CA LYS A 543 -48.48 -9.54 9.30
C LYS A 543 -47.58 -8.69 10.18
N GLU A 544 -48.12 -8.22 11.30
CA GLU A 544 -47.34 -7.40 12.23
C GLU A 544 -46.15 -8.16 12.81
N LYS A 545 -46.35 -9.43 13.13
CA LYS A 545 -45.27 -10.24 13.69
C LYS A 545 -44.17 -10.36 12.65
N ILE A 546 -44.56 -10.70 11.42
CA ILE A 546 -43.63 -10.85 10.30
C ILE A 546 -42.84 -9.56 10.05
N LEU A 547 -43.56 -8.47 9.85
CA LEU A 547 -42.91 -7.18 9.58
C LEU A 547 -42.02 -6.71 10.71
N SER A 548 -42.41 -7.01 11.94
CA SER A 548 -41.62 -6.57 13.09
C SER A 548 -40.23 -7.21 13.06
N VAL A 549 -40.15 -8.49 12.73
CA VAL A 549 -38.86 -9.14 12.68
C VAL A 549 -38.08 -8.69 11.46
N ILE A 550 -38.77 -8.43 10.36
CA ILE A 550 -38.10 -7.94 9.15
C ILE A 550 -37.45 -6.61 9.53
N LYS A 551 -38.21 -5.76 10.24
CA LYS A 551 -37.70 -4.46 10.66
C LYS A 551 -36.45 -4.64 11.52
N GLU A 552 -36.48 -5.58 12.45
CA GLU A 552 -35.34 -5.84 13.31
C GLU A 552 -34.11 -6.22 12.49
N TRP A 553 -34.24 -7.30 11.73
CA TRP A 553 -33.18 -7.82 10.89
C TRP A 553 -32.68 -6.83 9.86
N GLY A 554 -33.53 -5.88 9.51
CA GLY A 554 -33.15 -4.90 8.50
C GLY A 554 -32.40 -3.68 9.00
N THR A 555 -32.45 -3.41 10.29
CA THR A 555 -31.77 -2.24 10.83
C THR A 555 -31.35 -2.45 12.27
N GLY A 556 -30.13 -2.93 12.46
CA GLY A 556 -29.62 -3.14 13.79
C GLY A 556 -28.13 -3.34 13.80
N ARG A 557 -27.67 -4.21 14.68
CA ARG A 557 -26.26 -4.52 14.77
C ARG A 557 -25.94 -5.47 13.62
N ASP A 558 -26.98 -5.96 12.96
CA ASP A 558 -26.82 -6.87 11.83
C ASP A 558 -27.19 -6.20 10.49
N THR A 559 -28.25 -5.41 10.47
CA THR A 559 -28.66 -4.72 9.24
C THR A 559 -28.48 -5.62 8.01
N LEU A 560 -29.42 -6.52 7.79
CA LEU A 560 -29.33 -7.46 6.67
C LEU A 560 -30.25 -7.15 5.49
N ARG A 561 -29.81 -7.52 4.30
CA ARG A 561 -30.62 -7.35 3.10
C ARG A 561 -31.65 -8.47 3.26
N CYS A 562 -32.92 -8.12 3.26
CA CYS A 562 -33.95 -9.14 3.45
C CYS A 562 -34.85 -9.38 2.27
N LEU A 563 -35.20 -10.64 2.07
CA LEU A 563 -36.09 -11.07 1.00
C LEU A 563 -37.25 -11.90 1.54
N ALA A 564 -38.45 -11.58 1.10
CA ALA A 564 -39.61 -12.36 1.50
C ALA A 564 -39.81 -13.43 0.41
N LEU A 565 -40.24 -14.62 0.82
CA LEU A 565 -40.47 -15.72 -0.12
C LEU A 565 -41.92 -16.19 -0.05
N ALA A 566 -42.56 -16.28 -1.21
CA ALA A 566 -43.94 -16.71 -1.27
C ALA A 566 -44.22 -17.54 -2.52
N THR A 567 -45.39 -18.16 -2.55
CA THR A 567 -45.75 -18.95 -3.71
C THR A 567 -47.22 -18.70 -3.94
N ARG A 568 -47.66 -18.73 -5.21
CA ARG A 568 -49.08 -18.55 -5.47
C ARG A 568 -49.56 -19.97 -5.68
N ASP A 569 -50.38 -20.45 -4.75
CA ASP A 569 -50.85 -21.82 -4.82
C ASP A 569 -51.72 -22.11 -6.04
N THR A 570 -52.43 -21.09 -6.52
CA THR A 570 -53.27 -21.25 -7.69
C THR A 570 -52.95 -20.18 -8.71
N PRO A 571 -51.85 -20.37 -9.46
CA PRO A 571 -51.46 -19.37 -10.46
C PRO A 571 -52.43 -19.36 -11.66
N PRO A 572 -52.36 -18.30 -12.47
CA PRO A 572 -53.26 -18.23 -13.63
C PRO A 572 -52.88 -19.36 -14.59
N LYS A 573 -53.73 -19.62 -15.58
CA LYS A 573 -53.43 -20.64 -16.57
C LYS A 573 -52.36 -20.05 -17.47
N ARG A 574 -51.33 -20.84 -17.77
CA ARG A 574 -50.24 -20.39 -18.63
C ARG A 574 -50.75 -19.53 -19.79
N GLU A 575 -51.83 -19.99 -20.42
CA GLU A 575 -52.44 -19.30 -21.56
C GLU A 575 -52.89 -17.88 -21.32
N GLU A 576 -53.60 -17.65 -20.21
CA GLU A 576 -54.12 -16.33 -19.88
C GLU A 576 -53.08 -15.35 -19.36
N MET A 577 -51.81 -15.67 -19.55
CA MET A 577 -50.75 -14.79 -19.10
C MET A 577 -49.99 -14.11 -20.23
N VAL A 578 -49.88 -12.79 -20.13
CA VAL A 578 -49.18 -12.00 -21.14
C VAL A 578 -47.76 -11.73 -20.71
N LEU A 579 -46.82 -12.53 -21.22
CA LEU A 579 -45.41 -12.39 -20.86
C LEU A 579 -44.68 -11.18 -21.44
N ASP A 580 -45.14 -10.66 -22.57
CA ASP A 580 -44.45 -9.51 -23.16
C ASP A 580 -44.85 -8.16 -22.55
N ASP A 581 -45.68 -8.19 -21.51
CA ASP A 581 -46.12 -6.97 -20.83
C ASP A 581 -45.80 -7.05 -19.34
N SER A 582 -44.66 -6.51 -18.94
CA SER A 582 -44.25 -6.56 -17.55
C SER A 582 -45.16 -5.84 -16.57
N SER A 583 -45.85 -4.79 -17.02
CA SER A 583 -46.74 -4.05 -16.12
C SER A 583 -47.90 -4.91 -15.63
N ARG A 584 -48.02 -6.13 -16.15
CA ARG A 584 -49.10 -7.00 -15.73
C ARG A 584 -48.62 -8.10 -14.77
N PHE A 585 -47.32 -8.14 -14.53
CA PHE A 585 -46.73 -9.15 -13.65
C PHE A 585 -47.15 -9.07 -12.18
N MET A 586 -47.30 -7.85 -11.67
CA MET A 586 -47.68 -7.69 -10.27
C MET A 586 -49.00 -8.36 -10.00
N GLU A 587 -49.95 -8.21 -10.92
CA GLU A 587 -51.27 -8.81 -10.74
C GLU A 587 -51.23 -10.34 -10.83
N TYR A 588 -50.23 -10.90 -11.51
CA TYR A 588 -50.14 -12.36 -11.60
C TYR A 588 -49.60 -12.86 -10.27
N GLU A 589 -48.73 -12.03 -9.68
CA GLU A 589 -48.10 -12.33 -8.40
C GLU A 589 -49.00 -11.79 -7.30
N THR A 590 -50.21 -12.32 -7.25
CA THR A 590 -51.21 -11.87 -6.30
C THR A 590 -51.92 -13.06 -5.66
N ASP A 591 -52.60 -12.82 -4.55
CA ASP A 591 -53.28 -13.90 -3.85
C ASP A 591 -52.19 -14.94 -3.46
N LEU A 592 -51.08 -14.43 -2.95
CA LEU A 592 -49.93 -15.25 -2.54
C LEU A 592 -50.00 -15.84 -1.13
N THR A 593 -49.19 -16.86 -0.90
CA THR A 593 -49.07 -17.49 0.40
C THR A 593 -47.67 -17.17 0.92
N PHE A 594 -47.56 -16.39 1.99
CA PHE A 594 -46.23 -16.09 2.54
C PHE A 594 -45.57 -17.40 3.00
N VAL A 595 -44.27 -17.52 2.77
CA VAL A 595 -43.57 -18.74 3.16
C VAL A 595 -42.44 -18.48 4.16
N GLY A 596 -41.63 -17.46 3.88
CA GLY A 596 -40.53 -17.18 4.77
C GLY A 596 -39.69 -16.00 4.37
N VAL A 597 -38.65 -15.74 5.18
CA VAL A 597 -37.76 -14.63 4.92
C VAL A 597 -36.31 -15.06 5.10
N VAL A 598 -35.41 -14.46 4.31
CA VAL A 598 -33.98 -14.73 4.40
C VAL A 598 -33.30 -13.39 4.54
N GLY A 599 -32.20 -13.37 5.31
CA GLY A 599 -31.46 -12.14 5.51
C GLY A 599 -30.02 -12.43 5.17
N MET A 600 -29.43 -11.58 4.36
CA MET A 600 -28.06 -11.83 3.96
C MET A 600 -27.18 -10.62 4.11
N LEU A 601 -25.87 -10.86 4.11
CA LEU A 601 -24.89 -9.80 4.20
C LEU A 601 -23.53 -10.33 3.78
N ASP A 602 -22.65 -9.44 3.36
CA ASP A 602 -21.28 -9.80 2.99
C ASP A 602 -20.56 -9.71 4.34
N PRO A 603 -20.25 -10.87 4.92
CA PRO A 603 -19.60 -11.00 6.22
C PRO A 603 -18.15 -10.58 6.38
N PRO A 604 -17.81 -10.07 7.56
CA PRO A 604 -16.44 -9.64 7.81
C PRO A 604 -15.54 -10.86 7.88
N ARG A 605 -14.26 -10.67 7.58
CA ARG A 605 -13.31 -11.76 7.66
C ARG A 605 -13.10 -12.07 9.15
N LYS A 606 -12.89 -13.35 9.45
CA LYS A 606 -12.73 -13.84 10.82
C LYS A 606 -11.64 -13.19 11.68
N GLU A 607 -10.46 -12.94 11.11
CA GLU A 607 -9.36 -12.35 11.86
C GLU A 607 -9.26 -10.82 11.84
N VAL A 608 -10.34 -10.13 11.51
CA VAL A 608 -10.29 -8.68 11.43
C VAL A 608 -10.53 -7.95 12.76
N MET A 609 -11.58 -8.34 13.49
CA MET A 609 -11.84 -7.68 14.76
C MET A 609 -10.62 -7.70 15.66
N GLY A 610 -9.87 -8.80 15.58
CA GLY A 610 -8.66 -8.93 16.38
C GLY A 610 -7.54 -8.03 15.86
N SER A 611 -7.32 -8.05 14.56
CA SER A 611 -6.28 -7.23 13.96
C SER A 611 -6.46 -5.76 14.30
N ILE A 612 -7.71 -5.31 14.35
CA ILE A 612 -7.99 -3.92 14.64
C ILE A 612 -7.73 -3.62 16.11
N GLN A 613 -7.99 -4.59 16.99
CA GLN A 613 -7.72 -4.34 18.40
C GLN A 613 -6.21 -4.22 18.60
N LEU A 614 -5.44 -5.06 17.91
CA LEU A 614 -4.00 -4.99 18.04
C LEU A 614 -3.54 -3.62 17.54
N CYS A 615 -4.06 -3.21 16.38
CA CYS A 615 -3.71 -1.91 15.81
C CYS A 615 -3.91 -0.81 16.83
N ARG A 616 -5.05 -0.91 17.51
CA ARG A 616 -5.43 0.03 18.55
C ARG A 616 -4.36 0.03 19.65
N ASP A 617 -3.98 -1.17 20.10
CA ASP A 617 -2.96 -1.30 21.14
C ASP A 617 -1.65 -0.61 20.71
N ALA A 618 -1.30 -0.75 19.44
CA ALA A 618 -0.09 -0.14 18.92
C ALA A 618 -0.34 1.33 18.62
N GLY A 619 -1.48 1.84 19.08
CA GLY A 619 -1.80 3.24 18.85
C GLY A 619 -2.13 3.63 17.42
N ILE A 620 -2.58 2.67 16.61
CA ILE A 620 -2.91 2.95 15.21
C ILE A 620 -4.43 3.02 15.01
N ARG A 621 -4.93 4.12 14.46
CA ARG A 621 -6.37 4.15 14.24
C ARG A 621 -6.71 3.56 12.87
N VAL A 622 -7.92 3.01 12.77
CA VAL A 622 -8.40 2.37 11.55
C VAL A 622 -9.73 3.00 11.13
N ILE A 623 -9.75 3.52 9.91
CA ILE A 623 -10.92 4.18 9.33
C ILE A 623 -11.42 3.34 8.15
N MET A 624 -12.73 3.29 7.96
CA MET A 624 -13.30 2.56 6.83
C MET A 624 -13.80 3.57 5.79
N ILE A 625 -13.42 3.36 4.53
CA ILE A 625 -13.86 4.20 3.43
C ILE A 625 -14.37 3.22 2.38
N THR A 626 -15.68 3.19 2.16
CA THR A 626 -16.29 2.26 1.24
C THR A 626 -17.29 2.91 0.28
N GLY A 627 -17.54 2.23 -0.85
CA GLY A 627 -18.47 2.75 -1.81
C GLY A 627 -19.85 2.18 -1.56
N ASP A 628 -19.91 1.21 -0.65
CA ASP A 628 -21.15 0.55 -0.28
C ASP A 628 -21.98 1.49 0.60
N ASN A 629 -23.22 1.13 0.87
CA ASN A 629 -24.06 1.99 1.69
C ASN A 629 -23.69 2.18 3.17
N LYS A 630 -24.11 3.32 3.72
CA LYS A 630 -23.81 3.67 5.10
C LYS A 630 -24.39 2.71 6.14
N GLY A 631 -25.65 2.30 5.94
CA GLY A 631 -26.27 1.38 6.87
C GLY A 631 -25.48 0.09 7.03
N THR A 632 -25.04 -0.53 5.93
CA THR A 632 -24.29 -1.77 6.08
C THR A 632 -22.85 -1.46 6.47
N ALA A 633 -22.42 -0.25 6.13
CA ALA A 633 -21.08 0.20 6.45
C ALA A 633 -20.94 0.29 7.96
N ILE A 634 -21.88 0.96 8.61
CA ILE A 634 -21.87 1.12 10.05
C ILE A 634 -22.03 -0.23 10.77
N ALA A 635 -22.91 -1.08 10.24
CA ALA A 635 -23.12 -2.37 10.86
C ALA A 635 -21.86 -3.20 10.81
N ILE A 636 -21.11 -3.12 9.71
CA ILE A 636 -19.88 -3.90 9.66
C ILE A 636 -18.85 -3.31 10.61
N CYS A 637 -18.87 -1.99 10.76
CA CYS A 637 -17.95 -1.31 11.66
C CYS A 637 -18.18 -1.80 13.09
N ARG A 638 -19.45 -1.95 13.46
CA ARG A 638 -19.80 -2.42 14.79
C ARG A 638 -19.38 -3.88 14.94
N ARG A 639 -19.55 -4.66 13.89
CA ARG A 639 -19.17 -6.07 13.96
C ARG A 639 -17.68 -6.28 14.17
N ILE A 640 -16.85 -5.48 13.51
CA ILE A 640 -15.41 -5.63 13.62
C ILE A 640 -14.72 -4.78 14.69
N GLY A 641 -15.49 -4.00 15.44
CA GLY A 641 -14.91 -3.21 16.51
C GLY A 641 -14.52 -1.78 16.22
N ILE A 642 -14.89 -1.22 15.08
CA ILE A 642 -14.55 0.17 14.81
C ILE A 642 -15.53 1.07 15.57
N PHE A 643 -16.75 0.58 15.76
CA PHE A 643 -17.77 1.32 16.49
C PHE A 643 -18.25 0.43 17.63
N GLY A 644 -18.70 1.03 18.72
CA GLY A 644 -19.20 0.24 19.82
C GLY A 644 -20.52 -0.34 19.35
N GLU A 645 -20.90 -1.49 19.87
CA GLU A 645 -22.14 -2.12 19.45
C GLU A 645 -23.33 -1.20 19.61
N ASN A 646 -23.26 -0.25 20.54
CA ASN A 646 -24.36 0.68 20.77
C ASN A 646 -23.91 2.12 20.74
N GLU A 647 -22.67 2.34 20.33
CA GLU A 647 -22.13 3.69 20.25
C GLU A 647 -22.92 4.60 19.30
N GLU A 648 -23.06 5.87 19.68
CA GLU A 648 -23.77 6.85 18.85
C GLU A 648 -22.79 7.29 17.78
N VAL A 649 -23.16 7.16 16.52
CA VAL A 649 -22.25 7.53 15.44
C VAL A 649 -22.75 8.65 14.54
N ALA A 650 -23.74 9.40 14.99
CA ALA A 650 -24.27 10.49 14.18
C ALA A 650 -23.18 11.33 13.50
N ASP A 651 -22.22 11.79 14.29
CA ASP A 651 -21.14 12.62 13.76
C ASP A 651 -19.85 11.86 13.42
N ARG A 652 -19.88 10.54 13.52
CA ARG A 652 -18.69 9.73 13.25
C ARG A 652 -18.75 8.94 11.93
N ALA A 653 -19.82 9.09 11.16
CA ALA A 653 -19.97 8.37 9.88
C ALA A 653 -20.67 9.25 8.85
N TYR A 654 -20.13 9.29 7.64
CA TYR A 654 -20.73 10.12 6.59
C TYR A 654 -20.80 9.41 5.24
N THR A 655 -21.58 9.97 4.34
CA THR A 655 -21.69 9.46 3.00
C THR A 655 -20.86 10.46 2.20
N GLY A 656 -20.45 10.09 1.00
CA GLY A 656 -19.68 11.01 0.20
C GLY A 656 -20.45 12.28 -0.06
N ARG A 657 -21.74 12.16 -0.30
CA ARG A 657 -22.56 13.35 -0.55
C ARG A 657 -22.52 14.27 0.66
N GLU A 658 -22.79 13.72 1.83
CA GLU A 658 -22.74 14.51 3.05
C GLU A 658 -21.38 15.17 3.13
N PHE A 659 -20.33 14.35 3.12
CA PHE A 659 -18.97 14.86 3.20
C PHE A 659 -18.74 16.04 2.25
N ASP A 660 -19.24 15.91 1.02
CA ASP A 660 -19.08 16.97 0.04
C ASP A 660 -19.79 18.27 0.45
N ASP A 661 -20.83 18.17 1.27
CA ASP A 661 -21.55 19.36 1.72
C ASP A 661 -20.75 20.17 2.74
N LEU A 662 -19.95 19.49 3.56
CA LEU A 662 -19.15 20.18 4.54
C LEU A 662 -18.17 21.13 3.89
N PRO A 663 -17.96 22.30 4.48
CA PRO A 663 -17.01 23.24 3.91
C PRO A 663 -15.62 22.65 4.14
N LEU A 664 -14.66 23.05 3.33
CA LEU A 664 -13.30 22.54 3.44
C LEU A 664 -12.74 22.32 4.84
N ALA A 665 -12.79 23.33 5.69
CA ALA A 665 -12.26 23.17 7.04
C ALA A 665 -12.92 22.04 7.82
N GLU A 666 -14.22 21.86 7.61
CA GLU A 666 -14.96 20.83 8.31
C GLU A 666 -14.72 19.43 7.76
N GLN A 667 -14.47 19.33 6.46
CA GLN A 667 -14.18 18.03 5.86
C GLN A 667 -12.93 17.49 6.54
N ARG A 668 -11.97 18.38 6.73
CA ARG A 668 -10.70 18.05 7.36
C ARG A 668 -10.95 17.48 8.75
N GLU A 669 -11.43 18.31 9.65
CA GLU A 669 -11.72 17.91 11.02
C GLU A 669 -12.47 16.57 11.02
N ALA A 670 -13.38 16.43 10.07
CA ALA A 670 -14.19 15.22 9.93
C ALA A 670 -13.30 13.98 9.84
N CYS A 671 -12.25 14.04 9.04
CA CYS A 671 -11.36 12.89 8.87
C CYS A 671 -10.65 12.52 10.14
N ARG A 672 -10.64 13.45 11.10
CA ARG A 672 -9.96 13.21 12.36
C ARG A 672 -10.95 12.69 13.39
N ARG A 673 -12.23 12.97 13.18
CA ARG A 673 -13.27 12.56 14.11
C ARG A 673 -14.05 11.32 13.64
N ALA A 674 -14.39 11.28 12.36
CA ALA A 674 -15.16 10.15 11.80
C ALA A 674 -14.28 8.93 11.60
N CYS A 675 -14.92 7.77 11.52
CA CYS A 675 -14.19 6.53 11.32
C CYS A 675 -14.85 5.67 10.25
N CYS A 676 -15.91 6.20 9.64
CA CYS A 676 -16.64 5.46 8.61
C CYS A 676 -17.18 6.37 7.52
N PHE A 677 -16.64 6.17 6.32
CA PHE A 677 -17.08 6.93 5.17
C PHE A 677 -17.69 5.97 4.19
N ALA A 678 -18.91 6.27 3.77
CA ALA A 678 -19.64 5.38 2.89
C ALA A 678 -20.22 6.01 1.62
N ARG A 679 -20.61 5.14 0.69
CA ARG A 679 -21.18 5.57 -0.58
C ARG A 679 -20.28 6.65 -1.16
N VAL A 680 -18.98 6.42 -1.09
CA VAL A 680 -18.01 7.37 -1.59
C VAL A 680 -17.57 7.04 -3.02
N GLU A 681 -16.77 7.95 -3.59
CA GLU A 681 -16.28 7.76 -4.95
C GLU A 681 -14.77 7.62 -4.87
N PRO A 682 -14.14 7.15 -5.96
CA PRO A 682 -12.69 6.98 -5.96
C PRO A 682 -11.95 8.20 -5.40
N SER A 683 -12.26 9.40 -5.89
CA SER A 683 -11.60 10.63 -5.43
C SER A 683 -11.83 10.96 -3.95
N HIS A 684 -12.94 10.51 -3.39
CA HIS A 684 -13.21 10.75 -1.97
C HIS A 684 -12.17 10.04 -1.11
N LYS A 685 -11.72 8.88 -1.56
CA LYS A 685 -10.75 8.11 -0.77
C LYS A 685 -9.39 8.77 -0.74
N SER A 686 -8.94 9.26 -1.89
CA SER A 686 -7.65 9.91 -1.91
C SER A 686 -7.73 11.22 -1.12
N LYS A 687 -8.88 11.89 -1.18
CA LYS A 687 -9.07 13.15 -0.48
C LYS A 687 -9.03 12.95 1.04
N ILE A 688 -9.65 11.87 1.52
CA ILE A 688 -9.63 11.61 2.95
C ILE A 688 -8.22 11.32 3.41
N VAL A 689 -7.48 10.57 2.60
CA VAL A 689 -6.09 10.22 2.91
C VAL A 689 -5.25 11.50 2.94
N GLU A 690 -5.46 12.37 1.95
CA GLU A 690 -4.74 13.63 1.88
C GLU A 690 -4.96 14.46 3.15
N TYR A 691 -6.22 14.62 3.54
CA TYR A 691 -6.52 15.38 4.76
C TYR A 691 -5.77 14.76 5.94
N LEU A 692 -5.78 13.45 6.02
CA LEU A 692 -5.09 12.77 7.11
C LEU A 692 -3.60 13.08 7.09
N GLN A 693 -3.06 13.29 5.89
CA GLN A 693 -1.64 13.57 5.75
C GLN A 693 -1.32 15.04 6.09
N SER A 694 -2.32 15.91 6.01
CA SER A 694 -2.13 17.32 6.32
C SER A 694 -1.95 17.52 7.83
N TYR A 695 -2.24 16.50 8.62
CA TYR A 695 -2.04 16.56 10.06
C TYR A 695 -0.72 15.88 10.38
N ASP A 696 0.13 15.77 9.36
CA ASP A 696 1.43 15.14 9.52
C ASP A 696 1.31 13.70 9.98
N GLU A 697 0.38 12.96 9.42
CA GLU A 697 0.23 11.56 9.81
C GLU A 697 0.67 10.60 8.72
N ILE A 698 1.40 9.57 9.12
CA ILE A 698 1.84 8.55 8.17
C ILE A 698 0.62 7.64 8.10
N THR A 699 -0.06 7.73 6.95
CA THR A 699 -1.26 6.97 6.70
C THR A 699 -1.12 5.83 5.70
N ALA A 700 -1.72 4.70 6.02
CA ALA A 700 -1.71 3.56 5.12
C ALA A 700 -3.11 3.42 4.51
N MET A 701 -3.18 2.89 3.30
CA MET A 701 -4.47 2.66 2.67
C MET A 701 -4.49 1.19 2.32
N THR A 702 -5.58 0.51 2.61
CA THR A 702 -5.66 -0.91 2.31
C THR A 702 -6.93 -1.24 1.54
N GLY A 703 -6.81 -1.94 0.43
CA GLY A 703 -7.98 -2.30 -0.37
C GLY A 703 -7.71 -3.26 -1.52
N ASP A 704 -8.72 -3.48 -2.36
CA ASP A 704 -8.60 -4.42 -3.48
C ASP A 704 -9.24 -3.98 -4.81
N GLY A 705 -9.96 -2.86 -4.80
CA GLY A 705 -10.61 -2.43 -6.03
C GLY A 705 -9.90 -1.42 -6.90
N VAL A 706 -10.44 -1.20 -8.09
CA VAL A 706 -9.90 -0.21 -9.00
C VAL A 706 -10.20 1.16 -8.40
N ASN A 707 -11.34 1.26 -7.72
CA ASN A 707 -11.74 2.51 -7.08
C ASN A 707 -10.85 2.85 -5.88
N ASP A 708 -10.07 1.87 -5.44
CA ASP A 708 -9.16 2.08 -4.30
C ASP A 708 -7.80 2.58 -4.77
N ALA A 709 -7.55 2.50 -6.08
CA ALA A 709 -6.25 2.90 -6.60
C ALA A 709 -5.78 4.32 -6.26
N PRO A 710 -6.62 5.34 -6.48
CA PRO A 710 -6.15 6.69 -6.16
C PRO A 710 -5.68 6.81 -4.70
N ALA A 711 -6.46 6.26 -3.78
CA ALA A 711 -6.10 6.32 -2.37
C ALA A 711 -4.86 5.49 -2.06
N LEU A 712 -4.75 4.32 -2.69
CA LEU A 712 -3.58 3.45 -2.47
C LEU A 712 -2.33 4.17 -2.96
N LYS A 713 -2.44 4.86 -4.08
CA LYS A 713 -1.28 5.58 -4.57
C LYS A 713 -0.93 6.67 -3.56
N LYS A 714 -1.89 7.56 -3.31
CA LYS A 714 -1.71 8.69 -2.39
C LYS A 714 -1.19 8.35 -0.99
N ALA A 715 -1.65 7.25 -0.41
CA ALA A 715 -1.17 6.89 0.93
C ALA A 715 0.34 6.66 0.92
N GLU A 716 0.97 6.82 2.09
CA GLU A 716 2.41 6.58 2.20
C GLU A 716 2.65 5.08 2.04
N ILE A 717 1.66 4.28 2.43
CA ILE A 717 1.78 2.83 2.34
C ILE A 717 0.50 2.22 1.78
N GLY A 718 0.49 1.94 0.48
CA GLY A 718 -0.69 1.32 -0.11
C GLY A 718 -0.57 -0.19 0.02
N ILE A 719 -1.57 -0.83 0.61
CA ILE A 719 -1.57 -2.28 0.81
C ILE A 719 -2.74 -2.96 0.07
N ALA A 720 -2.42 -3.73 -0.98
CA ALA A 720 -3.45 -4.41 -1.78
C ALA A 720 -3.69 -5.85 -1.37
N MET A 721 -4.92 -6.33 -1.53
CA MET A 721 -5.24 -7.71 -1.18
C MET A 721 -4.70 -8.66 -2.25
N GLY A 722 -4.15 -9.78 -1.81
CA GLY A 722 -3.60 -10.76 -2.74
C GLY A 722 -4.55 -11.17 -3.84
N SER A 723 -5.81 -11.42 -3.50
CA SER A 723 -6.78 -11.82 -4.49
C SER A 723 -7.55 -10.60 -5.05
N GLY A 724 -6.93 -9.43 -5.01
CA GLY A 724 -7.61 -8.25 -5.51
C GLY A 724 -7.24 -7.97 -6.95
N THR A 725 -7.68 -6.82 -7.46
CA THR A 725 -7.43 -6.42 -8.84
C THR A 725 -5.99 -6.09 -9.13
N ALA A 726 -5.62 -6.23 -10.40
CA ALA A 726 -4.27 -5.95 -10.83
C ALA A 726 -4.02 -4.48 -10.58
N VAL A 727 -5.02 -3.65 -10.89
CA VAL A 727 -4.91 -2.21 -10.70
C VAL A 727 -4.54 -1.90 -9.24
N ALA A 728 -5.32 -2.41 -8.30
CA ALA A 728 -5.03 -2.16 -6.90
C ALA A 728 -3.59 -2.56 -6.57
N LYS A 729 -3.19 -3.75 -7.02
CA LYS A 729 -1.84 -4.27 -6.73
C LYS A 729 -0.75 -3.42 -7.34
N THR A 730 -0.96 -2.94 -8.56
CA THR A 730 0.03 -2.13 -9.23
C THR A 730 0.18 -0.74 -8.62
N ALA A 731 -0.74 -0.37 -7.74
CA ALA A 731 -0.71 0.96 -7.12
C ALA A 731 -0.29 0.88 -5.67
N SER A 732 0.08 -0.31 -5.23
CA SER A 732 0.47 -0.49 -3.84
C SER A 732 1.96 -0.58 -3.58
N GLU A 733 2.31 -0.55 -2.31
CA GLU A 733 3.70 -0.67 -1.91
C GLU A 733 3.85 -2.13 -1.47
N MET A 734 2.76 -2.71 -0.97
CA MET A 734 2.76 -4.08 -0.51
C MET A 734 1.51 -4.82 -0.94
N VAL A 735 1.57 -6.15 -0.92
CA VAL A 735 0.45 -6.99 -1.28
C VAL A 735 0.33 -8.11 -0.26
N LEU A 736 -0.85 -8.26 0.33
CA LEU A 736 -1.07 -9.32 1.32
C LEU A 736 -1.53 -10.58 0.58
N ALA A 737 -0.57 -11.32 0.02
CA ALA A 737 -0.87 -12.55 -0.72
C ALA A 737 -1.76 -13.49 0.06
N ASP A 738 -1.81 -13.26 1.36
CA ASP A 738 -2.57 -14.07 2.30
C ASP A 738 -4.01 -13.54 2.46
N ASP A 739 -4.24 -12.29 2.07
CA ASP A 739 -5.53 -11.63 2.21
C ASP A 739 -5.90 -11.48 3.67
N ASN A 740 -4.91 -11.73 4.55
CA ASN A 740 -5.12 -11.62 5.98
C ASN A 740 -4.84 -10.22 6.47
N PHE A 741 -5.79 -9.64 7.18
CA PHE A 741 -5.59 -8.30 7.69
C PHE A 741 -4.50 -8.38 8.75
N SER A 742 -4.43 -9.51 9.44
CA SER A 742 -3.43 -9.70 10.48
C SER A 742 -2.01 -9.56 9.94
N THR A 743 -1.84 -9.84 8.65
CA THR A 743 -0.52 -9.72 8.01
C THR A 743 -0.05 -8.27 8.02
N ILE A 744 -0.98 -7.32 8.17
CA ILE A 744 -0.66 -5.90 8.21
C ILE A 744 -0.03 -5.55 9.56
N VAL A 745 -0.59 -6.12 10.62
CA VAL A 745 -0.09 -5.89 11.96
C VAL A 745 1.38 -6.32 12.08
N ALA A 746 1.67 -7.54 11.61
CA ALA A 746 3.02 -8.07 11.67
C ALA A 746 3.97 -7.29 10.77
N ALA A 747 3.45 -6.72 9.69
CA ALA A 747 4.30 -5.94 8.78
C ALA A 747 4.71 -4.65 9.48
N VAL A 748 3.83 -4.16 10.34
CA VAL A 748 4.08 -2.94 11.10
C VAL A 748 5.18 -3.25 12.10
N GLU A 749 5.02 -4.37 12.79
CA GLU A 749 6.00 -4.79 13.79
C GLU A 749 7.38 -4.89 13.12
N GLU A 750 7.42 -5.57 11.98
CA GLU A 750 8.66 -5.73 11.24
C GLU A 750 9.23 -4.35 10.90
N GLY A 751 8.37 -3.43 10.50
CA GLY A 751 8.81 -2.08 10.15
C GLY A 751 9.33 -1.31 11.34
N ARG A 752 8.84 -1.62 12.54
CA ARG A 752 9.29 -0.94 13.74
C ARG A 752 10.64 -1.53 14.14
N ALA A 753 10.70 -2.86 14.20
CA ALA A 753 11.93 -3.56 14.55
C ALA A 753 13.07 -3.15 13.61
N ILE A 754 12.76 -3.11 12.31
CA ILE A 754 13.75 -2.75 11.30
C ILE A 754 14.33 -1.35 11.55
N TYR A 755 13.45 -0.36 11.68
CA TYR A 755 13.91 1.01 11.89
C TYR A 755 14.79 1.15 13.14
N ASN A 756 14.41 0.51 14.24
CA ASN A 756 15.20 0.61 15.46
C ASN A 756 16.64 0.17 15.22
N ASN A 757 16.82 -0.85 14.40
CA ASN A 757 18.15 -1.34 14.09
C ASN A 757 18.86 -0.42 13.10
N MET A 758 18.11 0.24 12.24
CA MET A 758 18.71 1.17 11.29
C MET A 758 19.13 2.40 12.08
N LYS A 759 18.32 2.72 13.08
CA LYS A 759 18.55 3.87 13.95
C LYS A 759 19.93 3.76 14.57
N GLN A 760 20.42 2.54 14.69
CA GLN A 760 21.74 2.31 15.26
C GLN A 760 22.88 2.44 14.27
N PHE A 761 22.89 1.61 13.24
CA PHE A 761 23.97 1.68 12.27
C PHE A 761 24.00 3.00 11.52
N ILE A 762 22.89 3.75 11.52
CA ILE A 762 22.86 5.05 10.85
C ILE A 762 23.72 5.97 11.70
N ARG A 763 23.69 5.72 13.01
CA ARG A 763 24.44 6.49 13.98
C ARG A 763 25.89 6.02 13.97
N TYR A 764 26.09 4.74 14.21
CA TYR A 764 27.41 4.14 14.21
C TYR A 764 28.23 4.63 13.02
N LEU A 765 27.56 4.78 11.88
CA LEU A 765 28.22 5.23 10.65
C LEU A 765 28.47 6.73 10.59
N ILE A 766 27.44 7.53 10.82
CA ILE A 766 27.60 8.98 10.79
C ILE A 766 28.53 9.40 11.92
N SER A 767 28.56 8.61 12.99
CA SER A 767 29.40 8.87 14.15
C SER A 767 30.87 8.76 13.72
N SER A 768 31.17 7.65 13.03
CA SER A 768 32.52 7.41 12.54
C SER A 768 32.94 8.58 11.65
N ASN A 769 32.06 8.99 10.75
CA ASN A 769 32.34 10.10 9.84
C ASN A 769 32.62 11.39 10.61
N VAL A 770 32.31 11.40 11.89
CA VAL A 770 32.55 12.58 12.73
C VAL A 770 34.02 12.60 13.16
N GLY A 771 34.49 11.48 13.71
CA GLY A 771 35.88 11.39 14.13
C GLY A 771 36.82 11.69 12.98
N GLU A 772 36.45 11.21 11.80
CA GLU A 772 37.26 11.41 10.60
C GLU A 772 37.44 12.89 10.26
N VAL A 773 36.36 13.66 10.31
CA VAL A 773 36.43 15.08 10.01
C VAL A 773 37.28 15.82 11.03
N VAL A 774 37.28 15.34 12.27
CA VAL A 774 38.07 15.98 13.33
C VAL A 774 39.54 15.81 13.00
N CYS A 775 39.90 14.64 12.47
CA CYS A 775 41.27 14.35 12.10
C CYS A 775 41.77 15.28 11.00
N ILE A 776 41.09 15.26 9.86
CA ILE A 776 41.46 16.11 8.74
C ILE A 776 41.46 17.59 9.12
N PHE A 777 40.58 17.98 10.03
CA PHE A 777 40.52 19.36 10.46
C PHE A 777 41.76 19.75 11.25
N LEU A 778 42.16 18.88 12.17
CA LEU A 778 43.34 19.11 12.99
C LEU A 778 44.59 19.17 12.11
N THR A 779 44.81 18.14 11.32
CA THR A 779 45.97 18.10 10.43
C THR A 779 45.75 18.99 9.21
N ALA A 780 45.27 20.21 9.45
CA ALA A 780 45.02 21.18 8.38
C ALA A 780 45.15 22.60 8.93
N ALA A 781 44.79 22.77 10.20
CA ALA A 781 44.88 24.07 10.85
C ALA A 781 45.94 24.01 11.94
N LEU A 782 46.40 22.80 12.24
CA LEU A 782 47.43 22.60 13.26
C LEU A 782 48.79 22.53 12.58
N GLY A 783 48.80 22.16 11.30
CA GLY A 783 50.03 22.08 10.55
C GLY A 783 50.52 20.69 10.19
N LEU A 784 50.26 19.71 11.06
CA LEU A 784 50.69 18.34 10.82
C LEU A 784 50.38 17.84 9.41
N PRO A 785 51.10 16.79 8.98
CA PRO A 785 50.91 16.21 7.65
C PRO A 785 49.65 15.35 7.55
N GLU A 786 49.36 14.89 6.33
CA GLU A 786 48.19 14.06 6.06
C GLU A 786 48.29 12.72 6.79
N ALA A 787 47.59 12.62 7.91
CA ALA A 787 47.59 11.39 8.71
C ALA A 787 46.80 10.29 8.01
N LEU A 788 45.72 10.68 7.33
CA LEU A 788 44.87 9.74 6.60
C LEU A 788 44.50 10.31 5.23
N ILE A 789 44.70 9.52 4.18
CA ILE A 789 44.39 9.98 2.82
C ILE A 789 42.95 9.66 2.42
N PRO A 790 42.36 10.47 1.54
CA PRO A 790 40.98 10.27 1.08
C PRO A 790 40.77 8.92 0.39
N VAL A 791 41.84 8.17 0.19
CA VAL A 791 41.72 6.87 -0.47
C VAL A 791 41.60 5.76 0.55
N GLN A 792 41.85 6.07 1.81
CA GLN A 792 41.76 5.08 2.88
C GLN A 792 40.37 5.12 3.50
N LEU A 793 39.90 6.32 3.80
CA LEU A 793 38.59 6.52 4.40
C LEU A 793 37.52 5.73 3.66
N LEU A 794 37.55 5.80 2.33
CA LEU A 794 36.57 5.07 1.51
C LEU A 794 36.51 3.59 1.88
N TRP A 795 37.65 2.93 1.93
CA TRP A 795 37.69 1.51 2.27
C TRP A 795 37.17 1.31 3.70
N VAL A 796 37.40 2.31 4.55
CA VAL A 796 36.97 2.25 5.95
C VAL A 796 35.45 2.34 6.04
N ASN A 797 34.88 3.25 5.26
CA ASN A 797 33.44 3.46 5.26
C ASN A 797 32.76 2.67 4.13
N LEU A 798 33.12 1.38 4.04
CA LEU A 798 32.55 0.50 3.02
C LEU A 798 32.76 -0.95 3.43
N VAL A 799 33.92 -1.24 4.00
CA VAL A 799 34.26 -2.58 4.43
C VAL A 799 34.56 -2.63 5.91
N THR A 800 35.37 -1.68 6.38
CA THR A 800 35.74 -1.61 7.79
C THR A 800 34.50 -1.41 8.66
N ASP A 801 33.72 -0.39 8.33
CA ASP A 801 32.50 -0.08 9.07
C ASP A 801 31.29 -0.63 8.32
N GLY A 802 31.45 -0.82 7.01
CA GLY A 802 30.36 -1.33 6.20
C GLY A 802 29.89 -2.72 6.58
N LEU A 803 30.60 -3.35 7.53
CA LEU A 803 30.23 -4.67 7.98
C LEU A 803 29.56 -4.62 9.34
N PRO A 804 30.18 -3.94 10.32
CA PRO A 804 29.57 -3.86 11.65
C PRO A 804 28.20 -3.18 11.60
N ALA A 805 28.00 -2.34 10.58
CA ALA A 805 26.73 -1.65 10.39
C ALA A 805 25.65 -2.66 10.02
N THR A 806 25.90 -3.39 8.93
CA THR A 806 24.99 -4.42 8.45
C THR A 806 24.96 -5.58 9.45
N ALA A 807 25.54 -5.36 10.63
CA ALA A 807 25.59 -6.37 11.67
C ALA A 807 24.68 -5.94 12.82
N LEU A 808 24.64 -4.63 13.07
CA LEU A 808 23.79 -4.08 14.11
C LEU A 808 22.34 -4.26 13.68
N GLY A 809 22.14 -4.32 12.36
CA GLY A 809 20.81 -4.49 11.83
C GLY A 809 20.21 -5.81 12.23
N PHE A 810 20.91 -6.55 13.10
CA PHE A 810 20.44 -7.84 13.58
C PHE A 810 20.19 -7.82 15.08
N ASN A 811 20.30 -6.65 15.69
CA ASN A 811 20.07 -6.52 17.13
C ASN A 811 18.68 -7.01 17.52
N PRO A 812 18.60 -7.91 18.52
CA PRO A 812 17.30 -8.43 18.96
C PRO A 812 16.36 -7.30 19.36
N PRO A 813 15.21 -7.19 18.67
CA PRO A 813 14.22 -6.15 18.95
C PRO A 813 13.55 -6.28 20.31
N ASP A 814 12.91 -5.19 20.75
CA ASP A 814 12.22 -5.16 22.03
C ASP A 814 11.14 -6.22 22.10
N LEU A 815 10.48 -6.29 23.25
CA LEU A 815 9.41 -7.25 23.47
C LEU A 815 8.09 -6.50 23.56
N ASP A 816 8.18 -5.18 23.67
CA ASP A 816 7.02 -4.30 23.76
C ASP A 816 7.03 -3.36 22.58
N ILE A 817 7.55 -3.82 21.45
CA ILE A 817 7.62 -3.01 20.26
C ILE A 817 6.23 -2.62 19.77
N MET A 818 5.25 -3.50 20.00
CA MET A 818 3.87 -3.26 19.57
C MET A 818 2.94 -2.79 20.69
N ASP A 819 3.52 -2.33 21.79
CA ASP A 819 2.75 -1.84 22.92
C ASP A 819 3.02 -0.36 23.12
N ARG A 820 3.69 0.23 22.14
CA ARG A 820 4.02 1.64 22.16
C ARG A 820 3.37 2.28 20.94
N PRO A 821 3.01 3.56 21.03
CA PRO A 821 2.37 4.31 19.95
C PRO A 821 3.33 4.62 18.80
N PRO A 822 2.79 5.06 17.65
CA PRO A 822 3.60 5.39 16.48
C PRO A 822 4.64 6.46 16.79
N ARG A 823 5.88 6.25 16.37
CA ARG A 823 6.91 7.23 16.63
C ARG A 823 6.69 8.39 15.68
N SER A 824 6.93 9.60 16.17
CA SER A 824 6.75 10.81 15.36
C SER A 824 7.58 10.79 14.08
N PRO A 825 7.02 11.31 12.99
CA PRO A 825 7.73 11.35 11.71
C PRO A 825 8.90 12.31 11.78
N LYS A 826 8.87 13.21 12.75
CA LYS A 826 9.91 14.21 12.91
C LYS A 826 10.95 13.86 13.97
N GLU A 827 10.77 12.73 14.64
CA GLU A 827 11.70 12.32 15.67
C GLU A 827 13.11 12.20 15.10
N PRO A 828 14.00 13.15 15.48
CA PRO A 828 15.39 13.19 15.02
C PRO A 828 16.24 12.03 15.53
N LEU A 829 17.24 11.65 14.74
CA LEU A 829 18.13 10.55 15.09
C LEU A 829 19.16 10.91 16.14
N ILE A 830 19.76 12.09 16.01
CA ILE A 830 20.78 12.54 16.95
C ILE A 830 20.45 13.93 17.50
N SER A 831 20.25 14.01 18.81
CA SER A 831 19.96 15.27 19.47
C SER A 831 20.05 15.13 20.99
N GLY A 832 20.30 16.24 21.68
CA GLY A 832 20.41 16.20 23.12
C GLY A 832 21.71 15.58 23.61
N TRP A 833 21.63 14.87 24.73
CA TRP A 833 22.80 14.22 25.32
C TRP A 833 23.55 13.34 24.33
N LEU A 834 22.84 12.85 23.32
CA LEU A 834 23.45 12.00 22.31
C LEU A 834 24.22 12.85 21.30
N PHE A 835 23.71 14.06 21.05
CA PHE A 835 24.36 14.99 20.13
C PHE A 835 25.69 15.36 20.75
N PHE A 836 25.67 15.51 22.07
CA PHE A 836 26.85 15.85 22.86
C PHE A 836 27.74 14.62 22.98
N ARG A 837 27.13 13.47 23.28
CA ARG A 837 27.90 12.24 23.43
C ARG A 837 28.67 11.91 22.16
N TYR A 838 27.98 11.95 21.02
CA TYR A 838 28.64 11.66 19.75
C TYR A 838 29.54 12.83 19.33
N MET A 839 29.47 13.90 20.09
CA MET A 839 30.28 15.09 19.83
C MET A 839 31.67 14.87 20.44
N ALA A 840 31.69 14.34 21.65
CA ALA A 840 32.93 14.07 22.36
C ALA A 840 33.64 12.88 21.72
N ILE A 841 32.88 11.83 21.41
CA ILE A 841 33.44 10.65 20.79
C ILE A 841 33.93 11.01 19.39
N GLY A 842 33.42 12.11 18.85
CA GLY A 842 33.82 12.56 17.53
C GLY A 842 35.20 13.17 17.57
N GLY A 843 35.38 14.14 18.45
CA GLY A 843 36.67 14.80 18.57
C GLY A 843 37.72 13.83 19.07
N TYR A 844 37.33 12.97 20.00
CA TYR A 844 38.23 11.96 20.56
C TYR A 844 38.97 11.22 19.45
N VAL A 845 38.22 10.48 18.63
CA VAL A 845 38.80 9.73 17.53
C VAL A 845 39.60 10.67 16.64
N GLY A 846 39.13 11.91 16.52
CA GLY A 846 39.81 12.89 15.69
C GLY A 846 41.21 13.18 16.19
N ALA A 847 41.35 13.42 17.49
CA ALA A 847 42.64 13.71 18.10
C ALA A 847 43.36 12.42 18.46
N ALA A 848 42.67 11.29 18.33
CA ALA A 848 43.24 9.99 18.64
C ALA A 848 43.96 9.45 17.41
N THR A 849 43.80 10.12 16.27
CA THR A 849 44.44 9.70 15.03
C THR A 849 45.54 10.69 14.67
N VAL A 850 45.30 11.98 14.91
CA VAL A 850 46.27 13.01 14.61
C VAL A 850 47.43 12.87 15.59
N GLY A 851 47.10 12.57 16.85
CA GLY A 851 48.12 12.41 17.86
C GLY A 851 48.85 11.09 17.72
N ALA A 852 48.14 10.07 17.23
CA ALA A 852 48.72 8.75 17.06
C ALA A 852 49.75 8.77 15.93
N ALA A 853 49.64 9.77 15.06
CA ALA A 853 50.56 9.92 13.94
C ALA A 853 51.77 10.72 14.39
N ALA A 854 51.51 11.83 15.08
CA ALA A 854 52.57 12.68 15.58
C ALA A 854 53.39 11.92 16.61
N TRP A 855 52.74 10.99 17.30
CA TRP A 855 53.40 10.16 18.31
C TRP A 855 54.51 9.33 17.66
N TRP A 856 54.12 8.56 16.65
CA TRP A 856 55.07 7.70 15.95
C TRP A 856 56.33 8.48 15.56
N PHE A 857 56.16 9.77 15.30
CA PHE A 857 57.28 10.62 14.93
C PHE A 857 58.07 11.05 16.18
N MET A 858 57.47 11.94 16.96
CA MET A 858 58.11 12.44 18.18
C MET A 858 58.36 11.32 19.19
N TYR A 859 57.63 11.37 20.30
CA TYR A 859 57.75 10.36 21.36
C TYR A 859 57.32 8.98 20.85
N ALA A 860 58.28 8.22 20.31
CA ALA A 860 57.98 6.88 19.78
C ALA A 860 59.24 6.04 19.56
N GLU A 861 59.40 5.55 18.34
CA GLU A 861 60.56 4.73 18.00
C GLU A 861 61.23 5.21 16.71
N ASP A 862 61.13 4.40 15.67
CA ASP A 862 61.73 4.70 14.37
C ASP A 862 61.58 6.16 13.97
N GLY A 863 60.45 6.77 14.32
CA GLY A 863 60.23 8.15 13.98
C GLY A 863 61.14 9.10 14.73
N PRO A 864 61.71 10.11 14.05
CA PRO A 864 62.61 11.08 14.69
C PRO A 864 61.89 11.94 15.73
N GLY A 865 62.52 12.12 16.88
CA GLY A 865 61.92 12.91 17.96
C GLY A 865 61.63 14.35 17.63
N VAL A 866 61.56 14.68 16.35
CA VAL A 866 61.27 16.04 15.90
C VAL A 866 60.09 16.61 16.66
N THR A 867 60.37 17.49 17.62
CA THR A 867 59.30 18.10 18.43
C THR A 867 58.32 18.93 17.60
N TYR A 868 57.11 19.04 18.14
CA TYR A 868 56.01 19.77 17.50
C TYR A 868 56.43 21.11 16.89
N HIS A 869 57.41 21.78 17.52
CA HIS A 869 57.88 23.08 17.05
C HIS A 869 58.44 23.03 15.63
N GLN A 870 58.52 21.84 15.06
CA GLN A 870 59.04 21.67 13.70
C GLN A 870 58.38 20.50 12.97
N LEU A 871 57.70 19.65 13.72
CA LEU A 871 57.01 18.50 13.14
C LEU A 871 56.00 18.96 12.10
N THR A 872 55.46 20.16 12.32
CA THR A 872 54.48 20.74 11.42
C THR A 872 55.11 21.47 10.24
N HIS A 873 56.44 21.52 10.22
CA HIS A 873 57.15 22.19 9.16
C HIS A 873 57.69 21.17 8.15
N PHE A 874 56.97 20.05 8.01
CA PHE A 874 57.35 19.00 7.09
C PHE A 874 57.39 19.55 5.67
N MET A 875 56.73 20.67 5.46
CA MET A 875 56.67 21.34 4.17
C MET A 875 57.89 22.24 4.02
N GLN A 876 58.86 22.08 4.91
CA GLN A 876 60.07 22.88 4.89
C GLN A 876 61.30 22.04 5.18
N CYS A 877 61.52 21.00 4.38
CA CYS A 877 62.66 20.12 4.56
C CYS A 877 63.75 20.47 3.56
N THR A 878 63.56 21.57 2.85
CA THR A 878 64.54 22.03 1.87
C THR A 878 64.66 23.56 1.88
N GLU A 879 63.54 24.24 2.14
CA GLU A 879 63.51 25.69 2.19
C GLU A 879 64.10 26.22 3.50
N ASP A 880 64.29 25.33 4.46
CA ASP A 880 64.85 25.73 5.76
C ASP A 880 65.52 24.53 6.44
N HIS A 881 66.72 24.20 5.97
CA HIS A 881 67.49 23.08 6.52
C HIS A 881 68.01 23.32 7.93
N PRO A 882 68.55 24.52 8.20
CA PRO A 882 69.08 24.88 9.52
C PRO A 882 68.17 24.53 10.69
N HIS A 883 67.00 25.17 10.73
CA HIS A 883 66.03 24.95 11.79
C HIS A 883 65.25 23.66 11.58
N PHE A 884 65.75 22.80 10.69
CA PHE A 884 65.06 21.53 10.40
C PHE A 884 65.93 20.60 9.56
N GLU A 885 66.67 19.71 10.23
CA GLU A 885 67.53 18.76 9.54
C GLU A 885 68.14 17.76 10.52
N GLY A 886 67.61 16.54 10.52
CA GLY A 886 68.12 15.51 11.41
C GLY A 886 68.25 14.16 10.72
N LEU A 887 67.17 13.75 10.05
CA LEU A 887 67.16 12.48 9.32
C LEU A 887 66.74 12.71 7.87
N ASP A 888 66.44 11.62 7.16
CA ASP A 888 66.02 11.68 5.76
C ASP A 888 64.79 12.56 5.59
N CYS A 889 64.73 13.33 4.50
CA CYS A 889 63.59 14.22 4.24
C CYS A 889 62.39 13.49 3.60
N GLU A 890 62.63 12.89 2.44
CA GLU A 890 61.59 12.18 1.72
C GLU A 890 61.17 10.90 2.43
N ILE A 891 60.58 11.05 3.62
CA ILE A 891 60.13 9.91 4.41
C ILE A 891 58.76 10.21 5.01
N PHE A 892 58.31 11.45 4.87
CA PHE A 892 57.01 11.85 5.39
C PHE A 892 55.86 11.03 4.80
N GLU A 893 55.75 11.02 3.47
CA GLU A 893 54.68 10.27 2.82
C GLU A 893 54.93 8.76 2.85
N ALA A 894 55.49 8.28 3.96
CA ALA A 894 55.77 6.86 4.12
C ALA A 894 54.68 6.21 4.96
N PRO A 895 54.55 4.87 4.86
CA PRO A 895 53.55 4.11 5.61
C PRO A 895 53.81 4.01 7.11
N GLU A 896 54.04 5.15 7.75
CA GLU A 896 54.29 5.19 9.18
C GLU A 896 53.27 6.08 9.91
N PRO A 897 53.15 7.35 9.49
CA PRO A 897 52.19 8.23 10.14
C PRO A 897 50.74 7.81 9.87
N MET A 898 50.51 7.25 8.69
CA MET A 898 49.17 6.79 8.29
C MET A 898 48.91 5.42 8.88
N THR A 899 49.84 4.49 8.67
CA THR A 899 49.71 3.13 9.17
C THR A 899 49.57 3.08 10.69
N MET A 900 49.71 4.23 11.34
CA MET A 900 49.58 4.30 12.79
C MET A 900 48.40 5.18 13.17
N ALA A 901 47.82 5.85 12.18
CA ALA A 901 46.67 6.72 12.41
C ALA A 901 45.37 6.02 12.01
N LEU A 902 45.48 5.13 11.03
CA LEU A 902 44.33 4.38 10.54
C LEU A 902 44.06 3.18 11.44
N SER A 903 45.11 2.69 12.10
CA SER A 903 44.98 1.55 12.99
C SER A 903 44.14 1.95 14.19
N VAL A 904 44.10 3.25 14.47
CA VAL A 904 43.32 3.78 15.59
C VAL A 904 41.86 3.90 15.17
N LEU A 905 41.62 4.53 14.02
CA LEU A 905 40.27 4.70 13.52
C LEU A 905 39.58 3.35 13.48
N VAL A 906 40.29 2.35 12.95
CA VAL A 906 39.76 1.00 12.85
C VAL A 906 39.50 0.38 14.22
N THR A 907 40.51 0.38 15.09
CA THR A 907 40.34 -0.18 16.41
C THR A 907 39.23 0.54 17.16
N ILE A 908 39.19 1.86 17.04
CA ILE A 908 38.16 2.66 17.72
C ILE A 908 36.76 2.33 17.24
N GLU A 909 36.56 2.33 15.93
CA GLU A 909 35.25 2.03 15.36
C GLU A 909 34.79 0.62 15.74
N MET A 910 35.70 -0.33 15.77
CA MET A 910 35.33 -1.70 16.15
C MET A 910 34.86 -1.66 17.60
N CYS A 911 35.22 -0.59 18.30
CA CYS A 911 34.82 -0.42 19.69
C CYS A 911 33.49 0.31 19.71
N ASN A 912 33.34 1.24 18.77
CA ASN A 912 32.11 2.03 18.65
C ASN A 912 30.94 1.10 18.33
N ALA A 913 31.21 0.04 17.57
CA ALA A 913 30.18 -0.91 17.20
C ALA A 913 29.64 -1.61 18.43
N LEU A 914 30.54 -2.12 19.26
CA LEU A 914 30.16 -2.81 20.48
C LEU A 914 29.41 -1.85 21.40
N ASN A 915 29.51 -0.56 21.09
CA ASN A 915 28.85 0.47 21.89
C ASN A 915 27.50 0.85 21.30
N SER A 916 27.40 0.81 19.97
CA SER A 916 26.15 1.14 19.30
C SER A 916 25.13 0.03 19.51
N LEU A 917 25.53 -1.01 20.22
CA LEU A 917 24.65 -2.14 20.51
C LEU A 917 23.48 -1.70 21.40
N SER A 918 23.47 -0.43 21.77
CA SER A 918 22.42 0.13 22.61
C SER A 918 22.68 1.60 22.90
N GLU A 919 21.67 2.42 22.70
CA GLU A 919 21.79 3.85 22.94
C GLU A 919 22.31 4.12 24.35
N ASN A 920 21.43 4.04 25.34
CA ASN A 920 21.81 4.29 26.73
C ASN A 920 21.84 3.01 27.56
N GLN A 921 22.82 2.15 27.29
CA GLN A 921 22.96 0.90 28.02
C GLN A 921 24.42 0.55 28.25
N SER A 922 24.75 0.26 29.51
CA SER A 922 26.11 -0.10 29.88
C SER A 922 26.47 -1.46 29.27
N LEU A 923 27.55 -1.52 28.51
CA LEU A 923 27.96 -2.78 27.89
C LEU A 923 28.12 -3.88 28.94
N MET A 924 28.47 -3.50 30.15
CA MET A 924 28.65 -4.46 31.23
C MET A 924 27.29 -5.07 31.57
N ARG A 925 26.24 -4.25 31.46
CA ARG A 925 24.88 -4.69 31.74
C ARG A 925 24.35 -5.54 30.59
N MET A 926 24.36 -4.97 29.39
CA MET A 926 23.89 -5.68 28.20
C MET A 926 25.06 -6.36 27.50
N PRO A 927 25.22 -7.68 27.73
CA PRO A 927 26.30 -8.47 27.14
C PRO A 927 26.65 -8.07 25.70
N PRO A 928 27.81 -7.42 25.52
CA PRO A 928 28.27 -6.97 24.21
C PRO A 928 28.44 -8.13 23.23
N TRP A 929 28.14 -9.34 23.70
CA TRP A 929 28.27 -10.53 22.86
C TRP A 929 26.91 -11.11 22.48
N VAL A 930 25.87 -10.31 22.62
CA VAL A 930 24.51 -10.74 22.28
C VAL A 930 24.43 -10.94 20.77
N ASN A 931 24.64 -9.87 20.03
CA ASN A 931 24.61 -9.90 18.57
C ASN A 931 25.85 -10.64 18.07
N ILE A 932 25.78 -11.96 18.03
CA ILE A 932 26.89 -12.78 17.58
C ILE A 932 27.46 -12.31 16.26
N TRP A 933 26.59 -11.87 15.37
CA TRP A 933 27.02 -11.39 14.06
C TRP A 933 27.95 -10.20 14.13
N LEU A 934 27.75 -9.33 15.12
CA LEU A 934 28.59 -8.16 15.27
C LEU A 934 30.01 -8.62 15.58
N LEU A 935 30.13 -9.61 16.47
CA LEU A 935 31.42 -10.15 16.85
C LEU A 935 32.11 -10.67 15.58
N GLY A 936 31.43 -11.54 14.85
CA GLY A 936 32.00 -12.07 13.64
C GLY A 936 32.25 -10.99 12.60
N SER A 937 31.52 -9.88 12.73
CA SER A 937 31.66 -8.77 11.79
C SER A 937 32.97 -8.03 12.01
N ILE A 938 33.40 -7.96 13.26
CA ILE A 938 34.65 -7.29 13.59
C ILE A 938 35.84 -8.19 13.24
N CYS A 939 35.68 -9.48 13.50
CA CYS A 939 36.73 -10.46 13.20
C CYS A 939 37.05 -10.48 11.71
N LEU A 940 36.11 -9.99 10.91
CA LEU A 940 36.28 -9.95 9.47
C LEU A 940 36.90 -8.63 9.02
N SER A 941 36.48 -7.54 9.65
CA SER A 941 36.99 -6.22 9.30
C SER A 941 38.45 -6.09 9.70
N MET A 942 38.83 -6.75 10.80
CA MET A 942 40.21 -6.71 11.27
C MET A 942 41.13 -7.56 10.41
N SER A 943 40.68 -8.76 10.06
CA SER A 943 41.47 -9.65 9.21
C SER A 943 41.62 -9.02 7.84
N LEU A 944 40.73 -8.07 7.53
CA LEU A 944 40.75 -7.37 6.25
C LEU A 944 41.62 -6.13 6.37
N HIS A 945 41.96 -5.77 7.60
CA HIS A 945 42.82 -4.62 7.84
C HIS A 945 44.25 -5.15 7.79
N PHE A 946 44.39 -6.45 8.05
CA PHE A 946 45.67 -7.12 8.03
C PHE A 946 45.94 -7.55 6.60
N LEU A 947 44.93 -8.11 5.94
CA LEU A 947 45.04 -8.56 4.57
C LEU A 947 45.39 -7.40 3.64
N ILE A 948 45.10 -6.18 4.08
CA ILE A 948 45.39 -5.00 3.28
C ILE A 948 46.80 -4.50 3.60
N LEU A 949 47.55 -5.33 4.32
CA LEU A 949 48.92 -4.99 4.71
C LEU A 949 49.90 -6.06 4.22
N TYR A 950 49.65 -7.31 4.60
CA TYR A 950 50.50 -8.45 4.23
C TYR A 950 50.67 -8.59 2.71
N VAL A 951 49.56 -8.80 2.00
CA VAL A 951 49.63 -8.94 0.55
C VAL A 951 49.93 -7.58 -0.07
N ASP A 952 51.23 -7.30 -0.24
CA ASP A 952 51.72 -6.04 -0.80
C ASP A 952 50.88 -5.42 -1.89
N PRO A 953 50.43 -6.22 -2.88
CA PRO A 953 49.62 -5.66 -3.97
C PRO A 953 48.50 -4.73 -3.49
N LEU A 954 48.12 -4.84 -2.23
CA LEU A 954 47.07 -4.00 -1.66
C LEU A 954 47.58 -2.72 -1.01
N PRO A 955 48.45 -2.83 0.00
CA PRO A 955 48.99 -1.64 0.67
C PRO A 955 49.85 -0.78 -0.25
N MET A 956 50.04 -1.25 -1.48
CA MET A 956 50.85 -0.53 -2.45
C MET A 956 50.15 0.77 -2.83
N ILE A 957 48.82 0.72 -2.90
CA ILE A 957 48.02 1.88 -3.23
C ILE A 957 47.55 2.61 -1.99
N PHE A 958 47.19 1.86 -0.96
CA PHE A 958 46.74 2.45 0.30
C PHE A 958 47.93 3.08 1.02
N LYS A 959 49.12 2.64 0.66
CA LYS A 959 50.35 3.14 1.26
C LYS A 959 50.34 2.89 2.77
N LEU A 960 50.46 1.61 3.13
CA LEU A 960 50.47 1.19 4.53
C LEU A 960 51.41 -0.01 4.70
N LYS A 961 52.16 -0.01 5.80
CA LYS A 961 53.09 -1.11 6.06
C LYS A 961 52.80 -1.75 7.42
N ALA A 962 52.42 -3.03 7.37
CA ALA A 962 52.10 -3.80 8.57
C ALA A 962 53.06 -3.54 9.72
N LEU A 963 52.52 -3.10 10.85
CA LEU A 963 53.31 -2.84 12.04
C LEU A 963 53.59 -4.18 12.68
N ASP A 964 54.66 -4.30 13.44
CA ASP A 964 54.97 -5.58 14.07
C ASP A 964 54.29 -5.68 15.44
N LEU A 965 54.55 -6.78 16.14
CA LEU A 965 53.95 -7.02 17.45
C LEU A 965 54.31 -5.99 18.52
N THR A 966 54.79 -4.83 18.11
CA THR A 966 55.16 -3.78 19.06
C THR A 966 54.31 -2.54 18.91
N GLN A 967 54.37 -1.93 17.72
CA GLN A 967 53.62 -0.72 17.42
C GLN A 967 52.12 -0.91 17.68
N TRP A 968 51.60 -2.06 17.24
CA TRP A 968 50.20 -2.39 17.40
C TRP A 968 49.77 -2.45 18.86
N LEU A 969 50.73 -2.73 19.75
CA LEU A 969 50.43 -2.82 21.17
C LEU A 969 49.98 -1.45 21.68
N MET A 970 50.53 -0.39 21.11
CA MET A 970 50.20 0.97 21.50
C MET A 970 48.81 1.35 20.98
N VAL A 971 48.53 0.96 19.74
CA VAL A 971 47.24 1.25 19.12
C VAL A 971 46.08 0.77 19.98
N LEU A 972 46.20 -0.44 20.51
CA LEU A 972 45.17 -1.04 21.34
C LEU A 972 45.06 -0.36 22.70
N LYS A 973 45.86 0.68 22.91
CA LYS A 973 45.83 1.41 24.18
C LYS A 973 45.31 2.82 23.96
N ILE A 974 45.24 3.24 22.70
CA ILE A 974 44.75 4.57 22.36
C ILE A 974 43.28 4.50 21.95
N SER A 975 42.78 3.29 21.74
CA SER A 975 41.40 3.10 21.34
C SER A 975 40.59 2.42 22.45
N LEU A 976 41.19 1.41 23.07
CA LEU A 976 40.53 0.66 24.14
C LEU A 976 39.87 1.57 25.19
N PRO A 977 40.49 2.71 25.52
CA PRO A 977 39.91 3.60 26.52
C PRO A 977 38.58 4.25 26.10
N VAL A 978 38.20 4.08 24.84
CA VAL A 978 36.95 4.66 24.36
C VAL A 978 35.76 3.89 24.96
N ILE A 979 36.00 2.63 25.31
CA ILE A 979 34.96 1.78 25.89
C ILE A 979 34.57 2.33 27.25
N GLY A 980 35.48 3.06 27.88
CA GLY A 980 35.19 3.64 29.18
C GLY A 980 34.60 5.03 29.10
N LEU A 981 34.93 5.76 28.04
CA LEU A 981 34.44 7.11 27.84
C LEU A 981 32.93 7.13 27.68
N ASP A 982 32.43 6.42 26.68
CA ASP A 982 31.01 6.36 26.41
C ASP A 982 30.32 5.63 27.56
N GLU A 983 31.08 4.76 28.23
CA GLU A 983 30.55 3.99 29.35
C GLU A 983 30.07 4.91 30.47
N ILE A 984 30.76 6.04 30.63
CA ILE A 984 30.40 7.01 31.65
C ILE A 984 29.24 7.83 31.11
N LEU A 985 29.30 8.12 29.81
CA LEU A 985 28.26 8.90 29.14
C LEU A 985 26.91 8.18 29.25
N LYS A 986 26.93 6.85 29.17
CA LYS A 986 25.72 6.06 29.27
C LYS A 986 25.28 5.93 30.72
N PHE A 987 26.16 6.35 31.64
CA PHE A 987 25.85 6.30 33.06
C PHE A 987 25.18 7.62 33.42
N ILE A 988 25.67 8.70 32.81
CA ILE A 988 25.12 10.03 33.07
C ILE A 988 23.73 10.15 32.47
N ALA A 989 23.48 9.39 31.41
CA ALA A 989 22.19 9.41 30.75
C ALA A 989 21.21 8.45 31.43
N ARG A 990 21.73 7.37 31.99
CA ARG A 990 20.90 6.39 32.65
C ARG A 990 20.50 6.80 34.08
N ASN A 991 21.23 7.76 34.64
CA ASN A 991 20.95 8.23 36.00
C ASN A 991 20.53 9.69 36.03
N TYR A 992 21.48 10.58 35.77
CA TYR A 992 21.18 12.02 35.77
C TYR A 992 20.49 12.48 34.48
N LEU A 993 19.48 11.72 34.06
CA LEU A 993 18.72 12.06 32.85
C LEU A 993 17.44 11.23 32.76
N GLU A 994 16.63 11.49 31.74
CA GLU A 994 15.38 10.77 31.54
C GLU A 994 15.56 9.64 30.51
N GLY A 995 14.69 8.65 30.57
CA GLY A 995 14.76 7.53 29.65
C GLY A 995 13.41 7.10 29.13
NA NA B . 0.98 4.53 -1.72
MG MG C . -12.93 -3.87 -2.12
AL ALF D . -15.04 -1.02 -1.24
F1 ALF D . -14.45 -0.54 -2.83
F2 ALF D . -15.68 -1.39 0.37
F3 ALF D . -14.78 -2.77 -1.55
F4 ALF D . -15.29 0.73 -1.02
N1 TM1 E . -34.29 2.74 -4.95
C2 TM1 E . -34.19 1.78 -3.96
N3 TM1 E . -33.91 0.46 -4.27
C4 TM1 E . -33.70 0.00 -5.59
C5 TM1 E . -33.80 0.95 -6.62
C6 TM1 E . -34.10 2.34 -6.31
N6 TM1 E . -34.19 3.22 -7.31
N7 TM1 E . -33.59 0.37 -7.79
C8 TM1 E . -33.35 -0.91 -7.53
N9 TM1 E . -33.42 -1.15 -6.18
PA TM1 E . -28.68 -2.61 -2.26
C1' TM1 E . -33.20 -2.58 -5.46
O1A TM1 E . -29.60 -1.85 -1.22
C1F TM1 E . -32.91 -5.96 -6.18
C2' TM1 E . -32.80 -3.72 -6.45
O2' TM1 E . -33.76 -4.80 -6.61
O2A TM1 E . -27.22 -2.38 -1.91
C2F TM1 E . -32.99 -6.82 -7.48
N2F TM1 E . -32.51 -6.36 -8.81
O2F TM1 E . -32.00 -5.30 -9.07
C3' TM1 E . -31.42 -4.19 -6.02
O3' TM1 E . -31.53 -5.60 -5.71
O3A TM1 E . -28.99 -4.16 -2.21
C3F TM1 E . -33.51 -8.10 -7.46
O3F TM1 E . -32.60 -7.06 -9.82
C4' TM1 E . -30.94 -3.47 -4.87
O4' TM1 E . -32.04 -2.57 -4.63
C4F TM1 E . -34.01 -8.78 -6.37
N4F TM1 E . -34.51 -10.02 -6.41
O4F TM1 E . -35.67 -10.27 -6.63
C5' TM1 E . -29.48 -2.77 -5.00
O5' TM1 E . -28.99 -2.04 -3.80
C5F TM1 E . -33.98 -8.08 -5.12
O5F TM1 E . -33.82 -10.97 -6.23
C6F TM1 E . -33.45 -6.68 -4.95
N6F TM1 E . -33.52 -6.16 -3.62
O6F TM1 E . -33.94 -6.80 -2.69
O7F TM1 E . -33.17 -5.09 -3.29
C34 TG1 F . 19.84 16.96 12.66
C11 TG1 F . 21.10 16.61 11.81
C7 TG1 F . 22.45 16.52 12.66
C8 TG1 F . 22.66 15.12 13.43
C9 TG1 F . 23.92 15.00 14.34
C10 TG1 F . 25.37 15.24 13.76
C1 TG1 F . 25.65 16.80 13.13
C2 TG1 F . 27.17 17.24 12.93
O1 TG1 F . 27.43 18.51 13.61
C13 TG1 F . 28.37 18.63 14.62
O2 TG1 F . 28.90 17.70 15.22
C14 TG1 F . 28.67 20.10 14.90
C15 TG1 F . 29.93 20.67 14.22
C16 TG1 F . 31.33 20.15 14.64
C17 TG1 F . 32.46 20.72 13.76
C18 TG1 F . 33.85 20.28 14.23
C19 TG1 F . 35.03 20.83 13.39
C20 TG1 F . 35.63 19.80 12.43
C3 TG1 F . 27.37 17.53 11.42
O3 TG1 F . 28.20 16.41 10.92
C21 TG1 F . 29.25 16.65 10.12
O4 TG1 F . 29.62 17.78 9.52
C22 TG1 F . 30.26 15.50 10.21
C23 TG1 F . 31.26 15.80 11.30
C24 TG1 F . 30.40 14.34 9.59
C25 TG1 F . 29.55 13.69 8.50
C4 TG1 F . 25.94 17.48 10.83
C26 TG1 F . 25.72 17.82 9.37
C5 TG1 F . 25.01 17.11 11.75
C6 TG1 F . 23.48 16.86 11.51
O5 TG1 F . 22.81 17.95 10.84
C12 TG1 F . 21.48 17.68 10.79
O12 TG1 F . 20.69 18.20 10.01
C31 TG1 F . 25.80 14.13 12.76
O9 TG1 F . 26.31 14.79 14.84
C32 TG1 F . 26.56 15.20 16.11
O10 TG1 F . 26.14 16.23 16.63
C33 TG1 F . 27.43 14.26 16.79
O7 TG1 F . 22.64 14.01 12.48
C27 TG1 F . 21.71 12.99 12.57
O8 TG1 F . 20.82 12.90 13.40
C28 TG1 F . 21.96 12.01 11.44
C29 TG1 F . 20.91 12.04 10.31
C30 TG1 F . 21.20 10.90 9.34
O6 TG1 F . 22.47 17.63 13.65
O11 TG1 F . 20.77 15.53 10.95
#